data_8A1I
#
_entry.id   8A1I
#
_cell.length_a   65.635
_cell.length_b   148.183
_cell.length_c   67.140
_cell.angle_alpha   90.000
_cell.angle_beta   90.574
_cell.angle_gamma   90.000
#
_symmetry.space_group_name_H-M   'P 1 21 1'
#
loop_
_entity.id
_entity.type
_entity.pdbx_description
1 polymer 'Isoform 2 of Armadillo repeat-containing protein 8'
2 non-polymer '2-(N-MORPHOLINO)-ETHANESULFONIC ACID'
3 non-polymer 'CHLORIDE ION'
4 non-polymer GLYCEROL
5 non-polymer 'SULFATE ION'
6 water water
#
_entity_poly.entity_id   1
_entity_poly.type   'polypeptide(L)'
_entity_poly.pdbx_seq_one_letter_code
;(MSE)ACLLETPIR(MSE)SVLSEVTASSRHYVDRLFDPDPQKVLQGVID(MSE)KNAVIGNNKQKANLIVLGAVPRLLY
LLQQETSSTELKTECAVVLGSLA(MSE)GTENNVKSLLDCHIIPALLQGLLSPDLKFIEACLRCLRTIFTSPVTPEELLY
TDATVIPHL(MSE)ALLSRSRYTQEYICQIFSHCCKGPDHQTILFNHGAVQNIAHLLTSPSYKVR(MSE)QALKCFSVLA
FENPQVS(MSE)TLVNVLVDGELLPQIFVK(MSE)LQRDKPIE(MSE)QLTSAKCLTY(MSE)CRAGAIRTDDSCIVLKT
LPCLVR(MSE)CSKERLLEERVEGAETLAYLIEPDVELQRIASITDHLIA(MSE)LADYFKYPSSVSAITDIKRLDHDLK
HAHELRQAAFKLYASLGANDEDIRKKIIVSLGEGRPPVLTASRQGVTST
;
_entity_poly.pdbx_strand_id   A,I,P
#
loop_
_chem_comp.id
_chem_comp.type
_chem_comp.name
_chem_comp.formula
CL non-polymer 'CHLORIDE ION' 'Cl -1'
GOL non-polymer GLYCEROL 'C3 H8 O3'
MES non-polymer '2-(N-MORPHOLINO)-ETHANESULFONIC ACID' 'C6 H13 N O4 S'
SO4 non-polymer 'SULFATE ION' 'O4 S -2'
#
# COMPACT_ATOMS: atom_id res chain seq x y z
N LEU A 14 11.63 16.02 50.59
CA LEU A 14 12.05 15.10 49.53
C LEU A 14 12.56 13.80 50.12
N SER A 15 12.82 12.82 49.24
CA SER A 15 13.45 11.58 49.67
C SER A 15 14.93 11.84 49.95
N GLU A 16 15.41 11.27 51.06
CA GLU A 16 16.81 11.46 51.42
C GLU A 16 17.70 11.09 50.24
N VAL A 17 18.85 11.73 50.16
CA VAL A 17 19.83 11.43 49.11
C VAL A 17 20.84 10.48 49.73
N THR A 18 21.03 9.33 49.10
CA THR A 18 21.90 8.28 49.61
C THR A 18 23.22 8.24 48.85
N ALA A 19 24.18 7.51 49.40
CA ALA A 19 25.52 7.48 48.84
C ALA A 19 25.53 6.97 47.40
N SER A 20 24.62 6.07 47.03
CA SER A 20 24.61 5.54 45.67
C SER A 20 24.44 6.66 44.64
N SER A 21 23.47 7.54 44.84
CA SER A 21 23.25 8.65 43.91
C SER A 21 24.47 9.54 43.84
N ARG A 22 25.07 9.85 45.00
CA ARG A 22 26.27 10.67 45.03
C ARG A 22 27.40 9.99 44.27
N HIS A 23 27.50 8.67 44.36
CA HIS A 23 28.56 7.96 43.65
C HIS A 23 28.36 8.08 42.15
N TYR A 24 27.11 8.00 41.70
CA TYR A 24 26.85 8.22 40.28
C TYR A 24 27.33 9.60 39.85
N VAL A 25 26.97 10.64 40.62
CA VAL A 25 27.37 11.99 40.21
C VAL A 25 28.89 12.16 40.30
N ASP A 26 29.52 11.54 41.30
CA ASP A 26 30.96 11.66 41.47
C ASP A 26 31.71 11.01 40.32
N ARG A 27 31.24 9.86 39.85
CA ARG A 27 31.95 9.15 38.79
C ARG A 27 32.04 10.00 37.52
N LEU A 28 31.15 10.97 37.35
CA LEU A 28 31.25 11.90 36.22
C LEU A 28 32.51 12.76 36.35
N PHE A 29 32.89 13.12 37.56
CA PHE A 29 34.07 13.95 37.83
C PHE A 29 35.36 13.14 37.91
N ASP A 30 35.31 11.84 37.62
CA ASP A 30 36.46 10.97 37.75
C ASP A 30 37.58 11.39 36.81
N PRO A 31 38.84 11.19 37.21
CA PRO A 31 39.94 11.66 36.35
C PRO A 31 40.15 10.79 35.13
N ASP A 32 39.83 9.50 35.21
CA ASP A 32 39.99 8.60 34.07
C ASP A 32 38.81 8.78 33.12
N PRO A 33 39.03 9.11 31.84
CA PRO A 33 37.88 9.26 30.93
C PRO A 33 37.04 8.00 30.82
N GLN A 34 37.67 6.82 30.81
CA GLN A 34 36.93 5.57 30.71
C GLN A 34 35.93 5.44 31.86
N LYS A 35 36.35 5.81 33.07
CA LYS A 35 35.46 5.73 34.22
C LYS A 35 34.32 6.74 34.10
N VAL A 36 34.60 7.94 33.59
CA VAL A 36 33.54 8.92 33.38
C VAL A 36 32.49 8.39 32.40
N LEU A 37 32.94 7.80 31.30
CA LEU A 37 32.00 7.27 30.31
C LEU A 37 31.14 6.18 30.93
N GLN A 38 31.78 5.23 31.62
CA GLN A 38 30.99 4.16 32.24
C GLN A 38 30.06 4.72 33.32
N GLY A 39 30.47 5.80 33.99
CA GLY A 39 29.61 6.43 34.98
C GLY A 39 28.37 7.04 34.38
N VAL A 40 28.51 7.71 33.24
CA VAL A 40 27.32 8.28 32.60
C VAL A 40 26.43 7.16 32.07
N ILE A 41 27.03 6.07 31.58
CA ILE A 41 26.21 4.93 31.15
C ILE A 41 25.42 4.36 32.33
N ASP A 42 26.10 4.12 33.46
CA ASP A 42 25.44 3.59 34.64
C ASP A 42 24.35 4.54 35.11
N MSE A 43 24.57 5.83 34.95
CA MSE A 43 23.56 6.83 35.31
C MSE A 43 22.32 6.69 34.42
O MSE A 43 21.19 6.75 34.91
CB MSE A 43 24.16 8.23 35.21
CG MSE A 43 23.20 9.35 35.55
SE MSE A 43 24.14 11.08 35.62
CE MSE A 43 25.15 10.80 37.26
H MSE A 43 25.29 6.17 34.62
HA MSE A 43 23.29 6.71 36.24
HB2 MSE A 43 24.45 8.37 34.29
HB3 MSE A 43 24.92 8.29 35.81
HG2 MSE A 43 22.81 9.19 36.42
HG3 MSE A 43 22.51 9.41 34.88
HE1 MSE A 43 25.65 11.61 37.46
HE2 MSE A 43 25.76 10.06 37.14
HE3 MSE A 43 24.54 10.61 37.99
N LYS A 44 22.53 6.49 33.11
CA LYS A 44 21.38 6.27 32.24
C LYS A 44 20.61 5.02 32.65
N ASN A 45 21.33 3.95 33.03
CA ASN A 45 20.65 2.73 33.43
C ASN A 45 19.98 2.87 34.80
N ALA A 46 20.33 3.87 35.59
CA ALA A 46 19.77 4.05 36.92
C ALA A 46 18.48 4.86 36.93
N VAL A 47 18.23 5.69 35.91
CA VAL A 47 17.05 6.55 35.88
C VAL A 47 15.97 6.01 34.96
N ILE A 48 16.07 4.74 34.55
CA ILE A 48 15.11 4.18 33.60
C ILE A 48 13.70 4.31 34.16
N GLY A 49 13.50 3.85 35.39
CA GLY A 49 12.19 3.81 35.99
C GLY A 49 12.05 4.68 37.24
N ASN A 50 13.19 5.03 37.86
CA ASN A 50 13.18 5.76 39.13
C ASN A 50 13.11 7.25 38.87
N ASN A 51 11.93 7.84 39.12
CA ASN A 51 11.84 9.30 39.11
C ASN A 51 12.57 9.92 40.31
N LYS A 52 12.64 9.17 41.42
CA LYS A 52 13.41 9.63 42.57
C LYS A 52 14.89 9.74 42.26
N GLN A 53 15.44 8.77 41.52
CA GLN A 53 16.85 8.84 41.16
C GLN A 53 17.10 10.05 40.26
N LYS A 54 16.17 10.33 39.34
CA LYS A 54 16.25 11.53 38.52
C LYS A 54 16.32 12.78 39.40
N ALA A 55 15.40 12.89 40.36
CA ALA A 55 15.39 14.06 41.22
C ALA A 55 16.66 14.16 42.06
N ASN A 56 17.14 13.04 42.59
CA ASN A 56 18.36 13.08 43.40
C ASN A 56 19.54 13.56 42.57
N LEU A 57 19.65 13.08 41.33
CA LEU A 57 20.80 13.45 40.51
C LEU A 57 20.69 14.89 40.02
N ILE A 58 19.47 15.39 39.85
CA ILE A 58 19.33 16.80 39.48
C ILE A 58 19.69 17.70 40.67
N VAL A 59 19.31 17.30 41.88
CA VAL A 59 19.66 18.09 43.06
C VAL A 59 21.16 18.02 43.34
N LEU A 60 21.78 16.86 43.08
CA LEU A 60 23.22 16.73 43.26
C LEU A 60 24.02 17.45 42.19
N GLY A 61 23.37 18.02 41.17
CA GLY A 61 24.07 18.82 40.20
C GLY A 61 24.62 18.06 39.02
N ALA A 62 23.97 16.97 38.62
CA ALA A 62 24.47 16.21 37.48
C ALA A 62 24.22 16.95 36.18
N VAL A 63 23.17 17.75 36.09
CA VAL A 63 22.81 18.38 34.82
C VAL A 63 23.86 19.39 34.37
N PRO A 64 24.36 20.29 35.22
CA PRO A 64 25.45 21.18 34.76
C PRO A 64 26.67 20.43 34.27
N ARG A 65 27.06 19.37 34.98
CA ARG A 65 28.23 18.58 34.57
C ARG A 65 27.97 17.84 33.26
N LEU A 66 26.77 17.28 33.10
CA LEU A 66 26.43 16.60 31.86
C LEU A 66 26.48 17.57 30.69
N LEU A 67 25.93 18.78 30.86
CA LEU A 67 25.97 19.77 29.80
C LEU A 67 27.40 20.15 29.46
N TYR A 68 28.26 20.24 30.48
CA TYR A 68 29.66 20.54 30.22
C TYR A 68 30.32 19.42 29.43
N LEU A 69 30.04 18.17 29.79
CA LEU A 69 30.64 17.04 29.08
C LEU A 69 30.11 16.96 27.64
N LEU A 70 28.90 17.42 27.40
CA LEU A 70 28.38 17.46 26.04
C LEU A 70 28.87 18.68 25.28
N GLN A 71 29.43 19.67 25.97
CA GLN A 71 29.95 20.87 25.32
C GLN A 71 31.41 20.74 24.89
N GLN A 72 32.19 19.90 25.58
CA GLN A 72 33.63 19.85 25.34
C GLN A 72 33.95 19.42 23.91
N GLU A 73 35.02 19.99 23.36
CA GLU A 73 35.50 19.60 22.04
C GLU A 73 36.22 18.26 22.07
N THR A 74 36.86 17.94 23.21
CA THR A 74 37.58 16.69 23.36
C THR A 74 36.64 15.50 23.54
N SER A 75 35.44 15.73 24.06
CA SER A 75 34.51 14.64 24.30
C SER A 75 34.19 13.89 23.02
N SER A 76 34.26 12.56 23.10
CA SER A 76 33.95 11.71 21.97
C SER A 76 32.47 11.79 21.65
N THR A 77 32.12 11.38 20.42
CA THR A 77 30.72 11.33 20.02
C THR A 77 29.93 10.37 20.90
N GLU A 78 30.56 9.29 21.36
CA GLU A 78 29.90 8.36 22.27
C GLU A 78 29.50 9.03 23.57
N LEU A 79 30.44 9.77 24.18
CA LEU A 79 30.16 10.42 25.46
C LEU A 79 29.09 11.48 25.29
N LYS A 80 29.14 12.24 24.19
CA LYS A 80 28.13 13.26 23.93
C LYS A 80 26.76 12.63 23.76
N THR A 81 26.67 11.54 23.00
CA THR A 81 25.38 10.88 22.78
C THR A 81 24.82 10.33 24.09
N GLU A 82 25.66 9.68 24.90
CA GLU A 82 25.19 9.11 26.14
C GLU A 82 24.76 10.19 27.13
N CYS A 83 25.48 11.32 27.17
CA CYS A 83 25.09 12.42 28.04
C CYS A 83 23.75 13.01 27.61
N ALA A 84 23.56 13.19 26.29
CA ALA A 84 22.27 13.68 25.82
C ALA A 84 21.15 12.70 26.14
N VAL A 85 21.43 11.40 26.03
CA VAL A 85 20.42 10.40 26.38
C VAL A 85 20.03 10.54 27.85
N VAL A 86 21.01 10.66 28.74
CA VAL A 86 20.68 10.79 30.16
C VAL A 86 19.87 12.05 30.40
N LEU A 87 20.28 13.17 29.77
CA LEU A 87 19.53 14.42 29.95
C LEU A 87 18.09 14.27 29.48
N GLY A 88 17.88 13.50 28.41
CA GLY A 88 16.51 13.21 27.99
C GLY A 88 15.78 12.33 28.99
N SER A 89 16.48 11.35 29.57
CA SER A 89 15.87 10.46 30.54
C SER A 89 15.42 11.22 31.78
N LEU A 90 16.19 12.24 32.18
CA LEU A 90 15.77 13.09 33.30
C LEU A 90 14.54 13.90 32.91
N ALA A 91 14.47 14.36 31.66
CA ALA A 91 13.31 15.12 31.21
C ALA A 91 12.06 14.26 31.09
N MSE A 92 12.17 12.94 31.19
CA MSE A 92 11.02 12.06 31.09
C MSE A 92 10.28 11.95 32.42
O MSE A 92 9.23 11.32 32.51
CB MSE A 92 11.46 10.67 30.62
CG MSE A 92 12.10 10.65 29.24
SE MSE A 92 11.20 9.48 27.99
CE MSE A 92 12.15 7.82 28.37
H MSE A 92 12.92 12.53 31.32
HA MSE A 92 10.41 12.41 30.42
HB2 MSE A 92 12.12 10.32 31.25
HB3 MSE A 92 10.69 10.08 30.60
HG2 MSE A 92 12.07 11.56 28.88
HG3 MSE A 92 13.02 10.36 29.32
HE1 MSE A 92 13.09 7.93 28.14
HE2 MSE A 92 12.06 7.61 29.32
HE3 MSE A 92 11.76 7.10 27.84
N GLY A 93 10.85 12.58 33.45
CA GLY A 93 10.26 12.51 34.78
C GLY A 93 9.23 13.59 35.05
N THR A 94 9.21 14.08 36.29
CA THR A 94 8.21 15.04 36.74
C THR A 94 8.40 16.40 36.07
N GLU A 95 7.38 17.25 36.24
CA GLU A 95 7.47 18.61 35.74
C GLU A 95 8.54 19.42 36.49
N ASN A 96 8.75 19.15 37.78
CA ASN A 96 9.82 19.82 38.50
C ASN A 96 11.17 19.56 37.84
N ASN A 97 11.36 18.34 37.35
CA ASN A 97 12.60 18.01 36.66
C ASN A 97 12.75 18.80 35.37
N VAL A 98 11.67 18.95 34.61
CA VAL A 98 11.74 19.73 33.38
C VAL A 98 12.06 21.19 33.69
N LYS A 99 11.45 21.74 34.74
CA LYS A 99 11.78 23.11 35.12
C LYS A 99 13.24 23.24 35.52
N SER A 100 13.76 22.27 36.29
CA SER A 100 15.17 22.34 36.68
C SER A 100 16.08 22.27 35.45
N LEU A 101 15.75 21.40 34.50
CA LEU A 101 16.55 21.29 33.29
C LEU A 101 16.48 22.57 32.46
N LEU A 102 15.29 23.18 32.38
CA LEU A 102 15.15 24.45 31.68
C LEU A 102 15.96 25.54 32.36
N ASP A 103 15.95 25.56 33.69
CA ASP A 103 16.71 26.56 34.45
C ASP A 103 18.20 26.39 34.27
N CYS A 104 18.68 25.20 33.91
CA CYS A 104 20.09 24.98 33.62
C CYS A 104 20.43 25.30 32.17
N HIS A 105 19.49 25.88 31.43
CA HIS A 105 19.72 26.31 30.05
C HIS A 105 20.04 25.12 29.15
N ILE A 106 19.20 24.09 29.21
CA ILE A 106 19.50 22.92 28.41
C ILE A 106 19.12 23.14 26.94
N ILE A 107 18.03 23.86 26.67
CA ILE A 107 17.61 24.04 25.28
C ILE A 107 18.68 24.75 24.47
N PRO A 108 19.29 25.84 24.95
CA PRO A 108 20.41 26.44 24.19
C PRO A 108 21.52 25.44 23.90
N ALA A 109 21.89 24.62 24.88
CA ALA A 109 22.97 23.66 24.70
C ALA A 109 22.59 22.60 23.68
N LEU A 110 21.34 22.12 23.75
CA LEU A 110 20.86 21.16 22.77
C LEU A 110 20.84 21.77 21.38
N LEU A 111 20.48 23.05 21.27
CA LEU A 111 20.48 23.71 19.97
C LEU A 111 21.88 23.77 19.40
N GLN A 112 22.88 24.04 20.25
CA GLN A 112 24.25 23.96 19.77
C GLN A 112 24.64 22.53 19.41
N GLY A 113 24.09 21.54 20.13
CA GLY A 113 24.38 20.16 19.79
C GLY A 113 23.79 19.77 18.45
N LEU A 114 22.69 20.41 18.05
CA LEU A 114 22.09 20.15 16.74
C LEU A 114 22.98 20.59 15.58
N LEU A 115 24.08 21.31 15.86
CA LEU A 115 25.02 21.67 14.82
C LEU A 115 26.02 20.55 14.52
N SER A 116 25.88 19.40 15.18
CA SER A 116 26.82 18.30 15.03
C SER A 116 26.56 17.52 13.75
N PRO A 117 27.62 16.98 13.12
CA PRO A 117 27.41 16.10 11.97
C PRO A 117 26.82 14.74 12.32
N ASP A 118 27.13 14.21 13.52
CA ASP A 118 26.73 12.85 13.86
C ASP A 118 25.22 12.78 14.01
N LEU A 119 24.61 11.75 13.41
CA LEU A 119 23.17 11.64 13.45
C LEU A 119 22.65 11.16 14.81
N LYS A 120 23.30 10.16 15.42
CA LYS A 120 22.82 9.64 16.69
C LYS A 120 22.77 10.72 17.76
N PHE A 121 23.78 11.59 17.80
CA PHE A 121 23.80 12.67 18.77
C PHE A 121 22.67 13.66 18.50
N ILE A 122 22.42 13.96 17.23
CA ILE A 122 21.30 14.85 16.87
C ILE A 122 19.99 14.23 17.33
N GLU A 123 19.83 12.92 17.12
CA GLU A 123 18.61 12.24 17.53
C GLU A 123 18.43 12.31 19.03
N ALA A 124 19.51 12.13 19.80
CA ALA A 124 19.42 12.22 21.26
C ALA A 124 19.01 13.62 21.71
N CYS A 125 19.62 14.64 21.11
CA CYS A 125 19.25 16.02 21.46
C CYS A 125 17.80 16.32 21.08
N LEU A 126 17.36 15.85 19.90
CA LEU A 126 15.98 16.07 19.49
C LEU A 126 14.99 15.30 20.35
N ARG A 127 15.37 14.11 20.82
CA ARG A 127 14.53 13.36 21.75
C ARG A 127 14.35 14.15 23.04
N CYS A 128 15.44 14.72 23.56
CA CYS A 128 15.35 15.54 24.75
C CYS A 128 14.47 16.78 24.51
N LEU A 129 14.69 17.46 23.38
CA LEU A 129 13.89 18.63 23.04
C LEU A 129 12.42 18.26 22.90
N ARG A 130 12.13 17.09 22.33
CA ARG A 130 10.76 16.62 22.19
C ARG A 130 10.11 16.46 23.55
N THR A 131 10.78 15.76 24.47
CA THR A 131 10.20 15.58 25.80
C THR A 131 9.97 16.92 26.48
N ILE A 132 10.90 17.86 26.32
CA ILE A 132 10.76 19.14 26.99
C ILE A 132 9.58 19.92 26.44
N PHE A 133 9.54 20.09 25.10
CA PHE A 133 8.50 20.90 24.49
C PHE A 133 7.13 20.24 24.60
N THR A 134 7.09 18.90 24.72
CA THR A 134 5.84 18.20 24.96
C THR A 134 5.35 18.42 26.39
N SER A 135 6.26 18.62 27.34
CA SER A 135 5.89 18.79 28.73
C SER A 135 5.08 20.06 28.91
N PRO A 136 4.10 20.06 29.83
CA PRO A 136 3.25 21.25 29.98
C PRO A 136 3.99 22.49 30.48
N VAL A 137 4.96 22.32 31.39
CA VAL A 137 5.64 23.47 31.98
C VAL A 137 6.42 24.29 30.95
N THR A 138 6.69 23.74 29.78
CA THR A 138 7.52 24.43 28.80
C THR A 138 6.66 25.41 28.00
N PRO A 139 6.96 26.72 28.03
CA PRO A 139 6.24 27.65 27.16
C PRO A 139 6.62 27.44 25.71
N GLU A 140 5.61 27.50 24.83
CA GLU A 140 5.86 27.34 23.40
C GLU A 140 6.68 28.49 22.83
N GLU A 141 6.57 29.69 23.42
CA GLU A 141 7.26 30.84 22.86
C GLU A 141 8.78 30.65 22.84
N LEU A 142 9.33 29.84 23.75
CA LEU A 142 10.77 29.59 23.71
C LEU A 142 11.19 29.04 22.36
N LEU A 143 10.33 28.26 21.70
CA LEU A 143 10.65 27.74 20.39
C LEU A 143 10.80 28.88 19.38
N TYR A 144 9.95 29.90 19.49
CA TYR A 144 9.96 31.00 18.53
C TYR A 144 10.73 32.20 19.02
N THR A 145 11.14 32.23 20.29
CA THR A 145 11.89 33.36 20.82
C THR A 145 13.17 33.57 20.03
N ASP A 146 13.88 32.49 19.72
CA ASP A 146 15.05 32.52 18.86
C ASP A 146 14.62 32.14 17.45
N ALA A 147 14.79 33.06 16.50
CA ALA A 147 14.25 32.86 15.16
C ALA A 147 14.97 31.75 14.40
N THR A 148 16.25 31.50 14.70
CA THR A 148 17.03 30.55 13.92
C THR A 148 16.73 29.09 14.22
N VAL A 149 16.10 28.80 15.37
CA VAL A 149 15.89 27.41 15.77
C VAL A 149 14.94 26.73 14.81
N ILE A 150 13.87 27.41 14.40
CA ILE A 150 12.87 26.80 13.53
C ILE A 150 13.49 26.47 12.17
N PRO A 151 14.22 27.37 11.52
CA PRO A 151 14.94 26.97 10.29
C PRO A 151 15.88 25.80 10.52
N HIS A 152 16.65 25.82 11.61
CA HIS A 152 17.58 24.73 11.87
C HIS A 152 16.84 23.40 12.01
N LEU A 153 15.72 23.41 12.74
CA LEU A 153 14.92 22.21 12.90
C LEU A 153 14.37 21.74 11.56
N MSE A 154 13.93 22.68 10.74
CA MSE A 154 13.39 22.38 9.41
C MSE A 154 14.44 21.67 8.58
O MSE A 154 14.13 20.71 7.86
CB MSE A 154 12.94 23.67 8.71
CG MSE A 154 11.88 23.48 7.64
SE MSE A 154 10.15 22.94 8.35
CE MSE A 154 9.68 24.54 9.37
H MSE A 154 13.92 23.53 10.92
HA MSE A 154 12.61 21.81 9.50
HB2 MSE A 154 13.71 24.08 8.30
HB3 MSE A 154 12.57 24.27 9.39
HG2 MSE A 154 12.17 22.79 7.02
HG3 MSE A 154 11.75 24.32 7.17
HE1 MSE A 154 8.84 24.39 9.84
HE2 MSE A 154 9.58 25.29 8.76
HE3 MSE A 154 10.38 24.73 10.01
N ALA A 155 15.68 22.13 8.66
CA ALA A 155 16.76 21.50 7.89
C ALA A 155 16.99 20.06 8.33
N LEU A 156 16.91 19.79 9.63
CA LEU A 156 17.10 18.46 10.17
C LEU A 156 15.89 17.56 10.01
N LEU A 157 14.78 18.11 9.49
CA LEU A 157 13.52 17.40 9.53
C LEU A 157 13.59 16.03 8.88
N SER A 158 14.37 15.91 7.81
CA SER A 158 14.35 14.71 6.97
C SER A 158 15.72 14.04 6.91
N ARG A 159 16.38 13.89 8.05
CA ARG A 159 17.61 13.12 8.09
C ARG A 159 17.41 11.68 8.55
N SER A 160 16.46 11.44 9.46
CA SER A 160 16.15 10.11 9.94
C SER A 160 14.68 10.07 10.32
N ARG A 161 14.15 8.85 10.54
CA ARG A 161 12.78 8.75 11.01
C ARG A 161 12.63 9.38 12.39
N TYR A 162 13.70 9.36 13.19
CA TYR A 162 13.63 9.92 14.53
C TYR A 162 13.61 11.44 14.49
N THR A 163 14.42 12.05 13.61
CA THR A 163 14.35 13.50 13.45
C THR A 163 12.98 13.93 12.93
N GLN A 164 12.46 13.18 11.95
CA GLN A 164 11.12 13.47 11.43
C GLN A 164 10.09 13.41 12.55
N GLU A 165 10.05 12.30 13.29
CA GLU A 165 9.06 12.13 14.34
C GLU A 165 9.18 13.20 15.41
N TYR A 166 10.39 13.43 15.91
CA TYR A 166 10.58 14.35 17.02
C TYR A 166 10.26 15.78 16.61
N ILE A 167 10.80 16.24 15.48
CA ILE A 167 10.54 17.61 15.07
C ILE A 167 9.07 17.81 14.71
N CYS A 168 8.41 16.77 14.15
CA CYS A 168 6.98 16.87 13.91
C CYS A 168 6.21 17.02 15.22
N GLN A 169 6.58 16.24 16.24
CA GLN A 169 5.93 16.36 17.53
C GLN A 169 6.11 17.75 18.10
N ILE A 170 7.33 18.27 18.03
CA ILE A 170 7.62 19.60 18.56
C ILE A 170 6.76 20.64 17.85
N PHE A 171 6.72 20.58 16.52
CA PHE A 171 5.93 21.57 15.77
C PHE A 171 4.44 21.43 16.07
N SER A 172 3.91 20.21 16.04
CA SER A 172 2.47 20.02 16.22
C SER A 172 2.02 20.47 17.60
N HIS A 173 2.85 20.23 18.62
CA HIS A 173 2.48 20.64 19.97
C HIS A 173 2.69 22.12 20.21
N CYS A 174 3.59 22.75 19.46
CA CYS A 174 3.97 24.15 19.63
C CYS A 174 3.46 25.09 18.52
N CYS A 175 2.44 24.70 17.78
CA CYS A 175 1.95 25.58 16.71
C CYS A 175 1.08 26.70 17.29
N LYS A 176 0.09 26.35 18.11
CA LYS A 176 -0.66 27.33 18.87
C LYS A 176 -1.51 28.27 18.02
N GLY A 177 -1.99 27.85 16.86
CA GLY A 177 -2.84 28.73 16.11
C GLY A 177 -2.16 29.67 15.15
N PRO A 178 -2.97 30.55 14.54
CA PRO A 178 -2.49 31.35 13.40
C PRO A 178 -1.19 32.12 13.50
N ASP A 179 -0.88 32.83 14.58
CA ASP A 179 0.29 33.71 14.49
C ASP A 179 1.60 32.95 14.26
N HIS A 180 2.07 32.17 15.23
CA HIS A 180 3.30 31.45 14.91
C HIS A 180 3.04 30.22 14.04
N GLN A 181 1.78 29.83 13.79
CA GLN A 181 1.54 28.88 12.72
C GLN A 181 1.98 29.47 11.38
N THR A 182 1.70 30.75 11.16
CA THR A 182 2.17 31.40 9.94
C THR A 182 3.69 31.57 9.98
N ILE A 183 4.26 31.78 11.17
CA ILE A 183 5.72 31.80 11.26
C ILE A 183 6.29 30.47 10.77
N LEU A 184 5.70 29.35 11.22
CA LEU A 184 6.14 28.03 10.78
C LEU A 184 5.87 27.85 9.28
N PHE A 185 4.74 28.35 8.80
CA PHE A 185 4.37 28.18 7.39
C PHE A 185 5.35 28.90 6.48
N ASN A 186 5.80 30.10 6.86
CA ASN A 186 6.73 30.84 6.03
C ASN A 186 8.07 30.12 5.90
N HIS A 187 8.42 29.30 6.87
CA HIS A 187 9.65 28.51 6.81
C HIS A 187 9.48 27.20 6.05
N GLY A 188 8.35 27.03 5.35
CA GLY A 188 8.16 25.89 4.49
C GLY A 188 7.64 24.67 5.22
N ALA A 189 6.77 24.88 6.22
CA ALA A 189 6.28 23.77 7.02
C ALA A 189 5.45 22.82 6.16
N VAL A 190 4.51 23.34 5.38
CA VAL A 190 3.61 22.48 4.62
C VAL A 190 4.40 21.66 3.60
N GLN A 191 5.28 22.33 2.84
CA GLN A 191 6.01 21.62 1.79
C GLN A 191 6.94 20.56 2.39
N ASN A 192 7.64 20.91 3.48
CA ASN A 192 8.64 20.01 4.05
C ASN A 192 8.00 18.85 4.81
N ILE A 193 6.84 19.09 5.43
CA ILE A 193 6.18 18.06 6.21
C ILE A 193 5.29 17.17 5.35
N ALA A 194 4.85 17.65 4.18
CA ALA A 194 3.98 16.83 3.34
C ALA A 194 4.69 15.55 2.89
N HIS A 195 5.99 15.64 2.58
CA HIS A 195 6.70 14.47 2.10
C HIS A 195 6.75 13.35 3.13
N LEU A 196 6.54 13.66 4.41
CA LEU A 196 6.60 12.65 5.44
C LEU A 196 5.39 11.72 5.41
N LEU A 197 4.29 12.15 4.78
CA LEU A 197 3.08 11.33 4.72
C LEU A 197 3.27 10.08 3.87
N THR A 198 4.31 10.02 3.04
CA THR A 198 4.63 8.82 2.27
C THR A 198 5.80 8.04 2.85
N SER A 199 6.21 8.35 4.09
CA SER A 199 7.36 7.70 4.68
C SER A 199 7.08 6.22 4.92
N PRO A 200 8.09 5.36 4.87
CA PRO A 200 7.88 3.95 5.21
C PRO A 200 7.55 3.71 6.67
N SER A 201 7.77 4.71 7.53
CA SER A 201 7.51 4.59 8.96
C SER A 201 6.11 5.13 9.27
N TYR A 202 5.25 4.29 9.83
CA TYR A 202 3.92 4.74 10.22
C TYR A 202 4.01 5.82 11.28
N LYS A 203 4.95 5.69 12.21
CA LYS A 203 5.06 6.66 13.30
C LYS A 203 5.27 8.06 12.73
N VAL A 204 6.07 8.14 11.67
CA VAL A 204 6.26 9.41 10.98
C VAL A 204 4.96 9.85 10.30
N ARG A 205 4.38 8.96 9.49
CA ARG A 205 3.17 9.31 8.74
C ARG A 205 2.08 9.80 9.68
N MSE A 206 1.94 9.16 10.83
CA MSE A 206 0.96 9.56 11.83
C MSE A 206 1.24 11.00 12.26
O MSE A 206 0.36 11.87 12.19
CB MSE A 206 0.99 8.63 13.03
CG MSE A 206 -0.07 8.94 14.07
SE MSE A 206 -1.85 8.71 13.35
CE MSE A 206 -2.51 10.52 13.62
H MSE A 206 2.42 8.48 11.07
HA MSE A 206 0.07 9.51 11.44
HB2 MSE A 206 1.86 8.70 13.45
HB3 MSE A 206 0.85 7.72 12.72
HG2 MSE A 206 0.04 9.86 14.36
HG3 MSE A 206 0.04 8.34 14.82
HE1 MSE A 206 -3.43 10.57 13.31
HE2 MSE A 206 -1.96 11.14 13.11
HE3 MSE A 206 -2.47 10.74 14.57
N GLN A 207 2.49 11.24 12.70
CA GLN A 207 2.80 12.55 13.28
C GLN A 207 2.62 13.65 12.25
N ALA A 208 3.06 13.42 11.02
CA ALA A 208 2.82 14.41 9.97
C ALA A 208 1.33 14.73 9.86
N LEU A 209 0.49 13.69 9.85
CA LEU A 209 -0.96 13.92 9.77
C LEU A 209 -1.38 14.88 10.86
N LYS A 210 -0.93 14.62 12.09
CA LYS A 210 -1.31 15.47 13.22
C LYS A 210 -0.89 16.90 12.95
N CYS A 211 0.34 17.08 12.47
CA CYS A 211 0.82 18.43 12.15
C CYS A 211 -0.18 19.14 11.24
N PHE A 212 -0.63 18.45 10.18
CA PHE A 212 -1.55 19.10 9.25
C PHE A 212 -2.90 19.41 9.91
N SER A 213 -3.42 18.47 10.71
CA SER A 213 -4.74 18.69 11.30
C SER A 213 -4.76 19.97 12.14
N VAL A 214 -3.76 20.15 13.00
CA VAL A 214 -3.72 21.33 13.84
C VAL A 214 -3.32 22.55 13.02
N LEU A 215 -2.54 22.34 11.97
CA LEU A 215 -2.06 23.47 11.16
C LEU A 215 -3.19 24.07 10.33
N ALA A 216 -4.22 23.30 10.01
CA ALA A 216 -5.29 23.75 9.14
C ALA A 216 -6.63 23.86 9.85
N PHE A 217 -6.63 23.90 11.19
CA PHE A 217 -7.89 23.85 11.93
C PHE A 217 -8.80 25.01 11.54
N GLU A 218 -8.31 26.25 11.71
CA GLU A 218 -9.11 27.42 11.35
C GLU A 218 -8.28 28.39 10.52
N ASN A 219 -7.37 27.85 9.71
CA ASN A 219 -6.54 28.66 8.81
C ASN A 219 -6.95 28.29 7.39
N PRO A 220 -7.88 29.02 6.78
CA PRO A 220 -8.25 28.70 5.40
C PRO A 220 -7.09 28.83 4.42
N GLN A 221 -6.16 29.75 4.67
CA GLN A 221 -5.04 29.94 3.75
C GLN A 221 -4.22 28.67 3.60
N VAL A 222 -3.88 28.03 4.73
CA VAL A 222 -3.06 26.83 4.64
C VAL A 222 -3.84 25.69 3.98
N SER A 223 -5.14 25.59 4.29
CA SER A 223 -5.95 24.54 3.69
C SER A 223 -5.90 24.61 2.17
N MSE A 224 -6.09 25.79 1.60
CA MSE A 224 -6.00 25.95 0.15
C MSE A 224 -4.63 25.47 -0.33
O MSE A 224 -4.54 24.73 -1.31
CB MSE A 224 -6.23 27.40 -0.27
CG MSE A 224 -6.34 27.61 -1.80
SE MSE A 224 -7.94 26.81 -2.62
CE MSE A 224 -7.60 27.19 -4.50
H MSE A 224 -6.27 26.52 2.03
HA MSE A 224 -6.71 25.43 -0.27
HB2 MSE A 224 -5.48 27.94 0.03
HB3 MSE A 224 -7.06 27.72 0.12
HG2 MSE A 224 -5.56 27.20 -2.22
HG3 MSE A 224 -6.36 28.56 -1.99
HE1 MSE A 224 -8.30 26.78 -5.03
HE2 MSE A 224 -6.75 26.82 -4.76
HE3 MSE A 224 -7.61 28.15 -4.63
N THR A 225 -3.57 25.88 0.36
CA THR A 225 -2.24 25.41 -0.03
C THR A 225 -2.20 23.89 -0.02
N LEU A 226 -2.80 23.26 0.99
CA LEU A 226 -2.76 21.80 1.08
C LEU A 226 -3.47 21.15 -0.11
N VAL A 227 -4.48 21.82 -0.67
CA VAL A 227 -5.22 21.21 -1.77
C VAL A 227 -4.30 20.96 -2.95
N ASN A 228 -3.36 21.86 -3.21
CA ASN A 228 -2.52 21.81 -4.39
C ASN A 228 -1.14 21.24 -4.11
N VAL A 229 -0.84 20.86 -2.87
CA VAL A 229 0.45 20.25 -2.57
C VAL A 229 0.52 18.88 -3.22
N LEU A 230 1.67 18.59 -3.84
CA LEU A 230 1.87 17.34 -4.55
C LEU A 230 3.00 16.59 -3.87
N VAL A 231 2.73 15.36 -3.44
CA VAL A 231 3.70 14.51 -2.78
C VAL A 231 3.76 13.17 -3.51
N ASP A 232 4.89 12.88 -4.15
CA ASP A 232 5.10 11.62 -4.86
C ASP A 232 4.03 11.37 -5.93
N GLY A 233 3.70 12.42 -6.67
CA GLY A 233 2.77 12.33 -7.79
C GLY A 233 1.31 12.34 -7.43
N GLU A 234 0.97 12.44 -6.14
CA GLU A 234 -0.42 12.47 -5.68
C GLU A 234 -0.69 13.80 -4.98
N LEU A 235 -1.86 14.36 -5.24
CA LEU A 235 -2.31 15.53 -4.50
C LEU A 235 -2.63 15.14 -3.06
N LEU A 236 -2.37 16.06 -2.14
CA LEU A 236 -2.41 15.73 -0.72
C LEU A 236 -3.77 15.18 -0.29
N PRO A 237 -4.90 15.73 -0.72
CA PRO A 237 -6.19 15.14 -0.32
C PRO A 237 -6.32 13.69 -0.77
N GLN A 238 -5.67 13.30 -1.86
CA GLN A 238 -5.71 11.90 -2.29
C GLN A 238 -4.98 11.03 -1.28
N ILE A 239 -3.89 11.54 -0.70
CA ILE A 239 -3.21 10.82 0.38
C ILE A 239 -4.10 10.73 1.60
N PHE A 240 -4.80 11.82 1.94
CA PHE A 240 -5.69 11.76 3.11
C PHE A 240 -6.78 10.71 2.90
N VAL A 241 -7.40 10.69 1.72
CA VAL A 241 -8.48 9.75 1.47
C VAL A 241 -8.00 8.32 1.67
N LYS A 242 -6.77 8.02 1.24
CA LYS A 242 -6.24 6.67 1.49
C LYS A 242 -6.09 6.41 2.98
N MSE A 243 -5.89 7.46 3.78
CA MSE A 243 -5.67 7.28 5.20
C MSE A 243 -6.99 7.22 5.97
O MSE A 243 -7.01 7.12 7.20
CB MSE A 243 -4.78 8.40 5.73
CG MSE A 243 -3.33 8.30 5.21
SE MSE A 243 -2.05 9.57 5.96
CE MSE A 243 -2.88 11.18 5.39
H MSE A 243 -5.88 8.28 3.52
HA MSE A 243 -5.22 6.44 5.36
HB2 MSE A 243 -4.74 8.36 6.70
HB3 MSE A 243 -5.14 9.25 5.44
HG2 MSE A 243 -3.35 8.44 4.25
HG3 MSE A 243 -3.01 7.40 5.41
HE1 MSE A 243 -2.25 11.91 5.49
HE2 MSE A 243 -3.66 11.35 5.93
HE3 MSE A 243 -3.13 11.08 4.46
N LEU A 244 -8.11 7.28 5.23
CA LEU A 244 -9.43 6.99 5.79
C LEU A 244 -9.79 5.51 5.73
N GLN A 245 -9.02 4.71 5.00
CA GLN A 245 -9.37 3.31 4.77
C GLN A 245 -9.40 2.52 6.07
N ARG A 246 -10.26 1.47 6.09
CA ARG A 246 -10.44 0.67 7.30
C ARG A 246 -9.18 -0.13 7.66
N ASP A 247 -8.35 -0.49 6.67
CA ASP A 247 -7.14 -1.24 6.98
C ASP A 247 -6.16 -0.40 7.80
N LYS A 248 -6.25 0.92 7.72
CA LYS A 248 -5.37 1.77 8.49
C LYS A 248 -5.80 1.80 9.95
N PRO A 249 -4.90 2.19 10.85
CA PRO A 249 -5.29 2.28 12.27
C PRO A 249 -6.36 3.33 12.49
N ILE A 250 -7.08 3.18 13.61
CA ILE A 250 -8.22 4.05 13.88
C ILE A 250 -7.77 5.51 14.03
N GLU A 251 -6.69 5.74 14.76
CA GLU A 251 -6.19 7.10 14.91
C GLU A 251 -5.96 7.75 13.55
N MSE A 252 -5.12 7.11 12.72
CA MSE A 252 -4.86 7.55 11.36
C MSE A 252 -6.17 7.94 10.67
O MSE A 252 -6.23 8.97 10.00
CB MSE A 252 -4.13 6.46 10.57
CG MSE A 252 -4.04 6.70 9.06
SE MSE A 252 -2.21 6.71 8.39
CE MSE A 252 -1.86 4.82 8.13
H MSE A 252 -4.68 6.41 12.94
HA MSE A 252 -4.28 8.34 11.38
HB2 MSE A 252 -4.60 5.62 10.70
HB3 MSE A 252 -3.23 6.39 10.90
HG2 MSE A 252 -4.44 7.55 8.84
HG3 MSE A 252 -4.51 5.99 8.61
HE1 MSE A 252 -2.64 4.32 8.41
HE2 MSE A 252 -1.10 4.56 8.66
HE3 MSE A 252 -1.67 4.67 7.19
N GLN A 253 -7.22 7.13 10.83
CA GLN A 253 -8.46 7.46 10.12
C GLN A 253 -9.06 8.73 10.68
N LEU A 254 -9.31 8.76 11.99
CA LEU A 254 -9.99 9.90 12.60
C LEU A 254 -9.28 11.19 12.26
N THR A 255 -7.95 11.22 12.44
CA THR A 255 -7.19 12.43 12.14
C THR A 255 -7.32 12.81 10.67
N SER A 256 -7.20 11.85 9.76
CA SER A 256 -7.39 12.17 8.35
C SER A 256 -8.73 12.86 8.17
N ALA A 257 -9.79 12.28 8.74
CA ALA A 257 -11.11 12.88 8.57
C ALA A 257 -11.11 14.32 9.07
N LYS A 258 -10.47 14.56 10.22
CA LYS A 258 -10.40 15.92 10.74
C LYS A 258 -9.79 16.83 9.70
N CYS A 259 -8.62 16.46 9.16
CA CYS A 259 -7.98 17.31 8.17
C CYS A 259 -8.98 17.65 7.06
N LEU A 260 -9.59 16.62 6.47
CA LEU A 260 -10.46 16.88 5.34
C LEU A 260 -11.62 17.76 5.74
N THR A 261 -12.23 17.49 6.90
CA THR A 261 -13.37 18.32 7.30
C THR A 261 -12.93 19.76 7.42
N TYR A 262 -11.77 20.00 8.01
CA TYR A 262 -11.28 21.37 8.14
C TYR A 262 -11.07 21.98 6.76
N MSE A 263 -10.45 21.24 5.85
CA MSE A 263 -10.25 21.74 4.50
C MSE A 263 -11.61 21.99 3.86
O MSE A 263 -11.78 22.94 3.10
CB MSE A 263 -9.42 20.78 3.66
CG MSE A 263 -7.94 20.74 4.03
SE MSE A 263 -6.97 19.34 3.13
CE MSE A 263 -6.78 20.11 1.37
H MSE A 263 -10.16 20.44 5.99
HA MSE A 263 -9.74 22.57 4.53
HB2 MSE A 263 -9.49 21.03 2.73
HB3 MSE A 263 -9.77 19.88 3.78
HG2 MSE A 263 -7.87 20.61 4.99
HG3 MSE A 263 -7.55 21.60 3.79
HE1 MSE A 263 -6.12 19.62 0.88
HE2 MSE A 263 -6.52 21.04 1.46
HE3 MSE A 263 -7.65 20.06 0.92
N CYS A 264 -12.57 21.12 4.17
CA CYS A 264 -13.91 21.32 3.64
C CYS A 264 -14.56 22.56 4.26
N ARG A 265 -14.32 22.78 5.56
CA ARG A 265 -14.92 23.91 6.23
C ARG A 265 -14.32 25.23 5.75
N ALA A 266 -13.01 25.23 5.46
CA ALA A 266 -12.35 26.44 4.97
C ALA A 266 -12.80 26.84 3.57
N GLY A 267 -13.31 25.90 2.77
CA GLY A 267 -13.70 26.17 1.41
C GLY A 267 -12.78 25.56 0.38
N ALA A 268 -11.66 24.97 0.80
CA ALA A 268 -10.71 24.37 -0.14
C ALA A 268 -11.31 23.12 -0.78
N ILE A 269 -12.20 22.42 -0.09
CA ILE A 269 -12.87 21.24 -0.62
C ILE A 269 -14.37 21.52 -0.59
N ARG A 270 -15.05 21.12 -1.66
CA ARG A 270 -16.49 21.37 -1.75
C ARG A 270 -17.26 20.35 -0.92
N THR A 271 -18.39 20.80 -0.37
CA THR A 271 -19.27 19.91 0.40
C THR A 271 -19.89 18.82 -0.45
N ASP A 272 -19.99 19.01 -1.77
CA ASP A 272 -20.49 17.97 -2.66
C ASP A 272 -19.38 17.09 -3.21
N ASP A 273 -18.13 17.32 -2.80
CA ASP A 273 -16.99 16.57 -3.32
C ASP A 273 -17.09 15.10 -2.92
N SER A 274 -16.56 14.24 -3.80
CA SER A 274 -16.63 12.81 -3.54
C SER A 274 -15.90 12.46 -2.25
N CYS A 275 -14.73 13.07 -2.00
CA CYS A 275 -13.96 12.71 -0.81
C CYS A 275 -14.74 12.96 0.47
N ILE A 276 -15.67 13.91 0.46
CA ILE A 276 -16.45 14.21 1.66
C ILE A 276 -17.64 13.25 1.77
N VAL A 277 -18.43 13.12 0.71
CA VAL A 277 -19.70 12.39 0.82
C VAL A 277 -19.48 10.87 0.79
N LEU A 278 -18.45 10.39 0.09
CA LEU A 278 -18.24 8.96 -0.06
C LEU A 278 -17.17 8.37 0.85
N LYS A 279 -16.33 9.20 1.47
CA LYS A 279 -15.24 8.69 2.28
C LYS A 279 -15.17 9.32 3.67
N THR A 280 -15.11 10.66 3.73
CA THR A 280 -14.92 11.33 5.01
C THR A 280 -16.13 11.13 5.92
N LEU A 281 -17.31 11.52 5.45
CA LEU A 281 -18.53 11.38 6.26
C LEU A 281 -18.83 9.92 6.57
N PRO A 282 -18.79 9.00 5.62
CA PRO A 282 -18.95 7.58 5.98
C PRO A 282 -17.93 7.13 7.00
N CYS A 283 -16.68 7.56 6.87
CA CYS A 283 -15.68 7.22 7.87
C CYS A 283 -16.11 7.70 9.25
N LEU A 284 -16.60 8.94 9.34
CA LEU A 284 -16.95 9.48 10.66
C LEU A 284 -18.11 8.71 11.28
N VAL A 285 -19.09 8.26 10.48
CA VAL A 285 -20.15 7.46 11.10
C VAL A 285 -19.58 6.13 11.61
N ARG A 286 -18.56 5.58 10.94
CA ARG A 286 -17.93 4.36 11.42
C ARG A 286 -17.19 4.58 12.75
N MSE A 287 -16.90 5.83 13.11
CA MSE A 287 -16.23 6.12 14.36
C MSE A 287 -17.21 6.14 15.53
O MSE A 287 -16.79 6.13 16.70
CB MSE A 287 -15.49 7.47 14.28
CG MSE A 287 -14.50 7.60 13.13
SE MSE A 287 -13.04 6.32 13.20
CE MSE A 287 -12.31 6.82 14.95
H MSE A 287 -17.09 6.52 12.64
HA MSE A 287 -15.56 5.42 14.52
HB2 MSE A 287 -14.99 7.60 15.11
HB3 MSE A 287 -16.15 8.17 14.18
HG2 MSE A 287 -14.11 8.49 13.14
HG3 MSE A 287 -14.97 7.46 12.29
HE1 MSE A 287 -11.35 6.89 14.88
HE2 MSE A 287 -12.55 6.15 15.59
HE3 MSE A 287 -12.68 7.68 15.21
N CYS A 288 -18.51 6.18 15.23
CA CYS A 288 -19.53 6.29 16.24
C CYS A 288 -20.09 4.94 16.69
N SER A 289 -19.48 3.84 16.26
CA SER A 289 -20.01 2.52 16.55
C SER A 289 -19.77 2.12 18.01
N LYS A 290 -20.61 1.21 18.49
CA LYS A 290 -20.46 0.70 19.85
C LYS A 290 -19.08 0.09 20.05
N GLU A 291 -18.56 -0.60 19.03
CA GLU A 291 -17.26 -1.26 19.12
C GLU A 291 -16.12 -0.27 19.29
N ARG A 292 -16.31 0.98 18.89
CA ARG A 292 -15.26 1.97 18.99
C ARG A 292 -15.10 2.43 20.45
N LEU A 293 -13.93 2.97 20.73
CA LEU A 293 -13.63 3.47 22.06
C LEU A 293 -14.43 4.75 22.34
N LEU A 294 -14.66 5.03 23.61
CA LEU A 294 -15.45 6.20 23.98
C LEU A 294 -14.84 7.48 23.40
N GLU A 295 -13.53 7.65 23.54
CA GLU A 295 -12.89 8.87 23.04
C GLU A 295 -13.04 8.96 21.53
N GLU A 296 -12.91 7.83 20.84
CA GLU A 296 -13.08 7.82 19.40
C GLU A 296 -14.52 8.18 19.01
N ARG A 297 -15.50 7.69 19.76
CA ARG A 297 -16.88 8.03 19.45
C ARG A 297 -17.14 9.51 19.66
N VAL A 298 -16.60 10.08 20.74
CA VAL A 298 -16.80 11.49 21.00
C VAL A 298 -16.17 12.33 19.88
N GLU A 299 -14.94 12.00 19.48
CA GLU A 299 -14.26 12.79 18.47
C GLU A 299 -14.90 12.60 17.09
N GLY A 300 -15.28 11.38 16.73
CA GLY A 300 -15.95 11.17 15.47
C GLY A 300 -17.26 11.94 15.40
N ALA A 301 -18.06 11.91 16.47
CA ALA A 301 -19.32 12.61 16.47
C ALA A 301 -19.13 14.13 16.39
N GLU A 302 -18.21 14.68 17.19
CA GLU A 302 -18.00 16.12 17.18
C GLU A 302 -17.40 16.60 15.86
N THR A 303 -16.51 15.80 15.26
CA THR A 303 -15.96 16.16 13.96
C THR A 303 -17.03 16.10 12.88
N LEU A 304 -17.90 15.09 12.93
CA LEU A 304 -18.99 15.03 11.96
C LEU A 304 -19.95 16.20 12.13
N ALA A 305 -20.20 16.61 13.38
CA ALA A 305 -21.03 17.79 13.60
C ALA A 305 -20.38 19.03 13.03
N TYR A 306 -19.05 19.14 13.17
CA TYR A 306 -18.33 20.26 12.58
C TYR A 306 -18.47 20.24 11.06
N LEU A 307 -18.40 19.05 10.46
CA LEU A 307 -18.44 18.93 9.00
C LEU A 307 -19.82 19.29 8.46
N ILE A 308 -20.89 18.76 9.08
CA ILE A 308 -22.23 18.87 8.49
C ILE A 308 -22.95 20.15 8.86
N GLU A 309 -22.43 20.91 9.83
CA GLU A 309 -23.17 22.08 10.32
C GLU A 309 -23.50 23.08 9.21
N PRO A 310 -22.57 23.45 8.32
CA PRO A 310 -22.89 24.54 7.37
C PRO A 310 -23.84 24.14 6.25
N ASP A 311 -23.83 22.88 5.80
CA ASP A 311 -24.56 22.48 4.60
C ASP A 311 -25.69 21.52 4.93
N VAL A 312 -26.89 21.83 4.40
CA VAL A 312 -28.06 21.01 4.67
C VAL A 312 -27.97 19.66 3.97
N GLU A 313 -27.44 19.63 2.74
CA GLU A 313 -27.37 18.37 2.01
C GLU A 313 -26.51 17.36 2.73
N LEU A 314 -25.39 17.81 3.30
CA LEU A 314 -24.58 16.90 4.11
C LEU A 314 -25.36 16.38 5.30
N GLN A 315 -26.15 17.25 5.94
CA GLN A 315 -26.95 16.81 7.08
C GLN A 315 -27.88 15.68 6.67
N ARG A 316 -28.56 15.83 5.54
CA ARG A 316 -29.48 14.76 5.11
C ARG A 316 -28.71 13.48 4.80
N ILE A 317 -27.65 13.59 3.99
CA ILE A 317 -26.86 12.41 3.64
C ILE A 317 -26.38 11.70 4.90
N ALA A 318 -25.89 12.46 5.88
CA ALA A 318 -25.44 11.86 7.13
C ALA A 318 -26.60 11.17 7.84
N SER A 319 -27.78 11.80 7.82
CA SER A 319 -28.92 11.22 8.52
C SER A 319 -29.29 9.86 7.95
N ILE A 320 -29.00 9.62 6.67
CA ILE A 320 -29.36 8.33 6.05
C ILE A 320 -28.16 7.40 5.89
N THR A 321 -27.03 7.68 6.54
CA THR A 321 -25.79 6.94 6.32
C THR A 321 -25.56 5.95 7.46
N ASP A 322 -25.56 4.65 7.14
CA ASP A 322 -25.13 3.59 8.06
C ASP A 322 -25.79 3.69 9.43
N HIS A 323 -27.09 3.94 9.46
CA HIS A 323 -27.83 3.92 10.72
C HIS A 323 -27.19 4.83 11.75
N LEU A 324 -26.79 6.02 11.32
CA LEU A 324 -26.13 6.96 12.24
C LEU A 324 -27.03 7.27 13.43
N ILE A 325 -28.28 7.64 13.16
CA ILE A 325 -29.17 8.05 14.24
C ILE A 325 -29.43 6.91 15.21
N ALA A 326 -29.36 5.67 14.72
CA ALA A 326 -29.49 4.52 15.62
C ALA A 326 -28.25 4.39 16.50
N MSE A 327 -27.07 4.46 15.89
CA MSE A 327 -25.82 4.36 16.63
C MSE A 327 -25.70 5.44 17.69
O MSE A 327 -25.28 5.17 18.81
CB MSE A 327 -24.63 4.45 15.69
CG MSE A 327 -24.43 3.22 14.82
SE MSE A 327 -22.95 3.43 13.58
CE MSE A 327 -23.00 1.61 12.82
H MSE A 327 -26.97 4.57 15.04
HA MSE A 327 -25.80 3.49 17.05
HB2 MSE A 327 -23.82 4.57 16.21
HB3 MSE A 327 -24.75 5.21 15.09
HG2 MSE A 327 -25.23 3.07 14.31
HG3 MSE A 327 -24.24 2.46 15.39
HE1 MSE A 327 -22.31 1.52 12.15
HE2 MSE A 327 -23.87 1.46 12.42
HE3 MSE A 327 -22.86 0.97 13.53
N LEU A 328 -26.10 6.65 17.32
CA LEU A 328 -26.09 7.75 18.29
C LEU A 328 -26.97 7.42 19.50
N ALA A 329 -28.10 6.75 19.27
CA ALA A 329 -28.95 6.38 20.41
C ALA A 329 -28.19 5.49 21.38
N ASP A 330 -27.29 4.64 20.87
CA ASP A 330 -26.51 3.75 21.72
C ASP A 330 -25.51 4.50 22.58
N TYR A 331 -25.30 5.81 22.33
CA TYR A 331 -24.49 6.59 23.25
C TYR A 331 -25.15 6.67 24.62
N PHE A 332 -26.49 6.61 24.66
CA PHE A 332 -27.22 6.75 25.91
C PHE A 332 -27.45 5.42 26.61
N LYS A 333 -26.98 4.33 26.03
CA LYS A 333 -27.09 2.99 26.60
C LYS A 333 -25.83 2.64 27.35
N TYR A 334 -25.98 1.86 28.42
CA TYR A 334 -24.86 1.52 29.28
C TYR A 334 -23.84 0.64 28.56
N PRO A 335 -22.57 0.73 28.95
CA PRO A 335 -21.51 0.03 28.21
C PRO A 335 -21.71 -1.47 28.25
N SER A 336 -21.24 -2.14 27.20
CA SER A 336 -21.36 -3.59 27.09
C SER A 336 -20.23 -4.17 26.26
N ASP A 343 -9.39 -4.58 31.28
CA ASP A 343 -10.57 -3.99 30.66
C ASP A 343 -11.50 -3.36 31.70
N ILE A 344 -11.31 -3.76 32.96
CA ILE A 344 -12.13 -3.21 34.03
C ILE A 344 -11.83 -1.73 34.23
N LYS A 345 -10.57 -1.33 34.07
CA LYS A 345 -10.24 0.09 34.15
C LYS A 345 -10.88 0.85 33.00
N ARG A 346 -10.96 0.23 31.81
CA ARG A 346 -11.66 0.87 30.70
C ARG A 346 -13.15 0.99 30.97
N LEU A 347 -13.76 -0.03 31.58
CA LEU A 347 -15.19 0.03 31.90
C LEU A 347 -15.49 1.11 32.93
N ASP A 348 -14.66 1.21 33.96
CA ASP A 348 -14.81 2.30 34.93
C ASP A 348 -14.61 3.65 34.26
N HIS A 349 -13.57 3.77 33.42
CA HIS A 349 -13.33 4.99 32.64
C HIS A 349 -14.50 5.35 31.75
N ASP A 350 -15.26 4.37 31.25
CA ASP A 350 -16.37 4.67 30.36
C ASP A 350 -17.62 5.06 31.15
N LEU A 351 -17.76 4.55 32.37
CA LEU A 351 -18.86 5.03 33.20
C LEU A 351 -18.59 6.42 33.76
N LYS A 352 -17.32 6.76 34.01
CA LYS A 352 -17.01 8.09 34.53
C LYS A 352 -17.14 9.16 33.45
N HIS A 353 -16.71 8.85 32.23
CA HIS A 353 -16.70 9.80 31.12
C HIS A 353 -17.92 9.68 30.20
N ALA A 354 -18.98 9.00 30.64
CA ALA A 354 -20.17 8.85 29.81
C ALA A 354 -20.82 10.19 29.49
N HIS A 355 -20.67 11.18 30.37
CA HIS A 355 -21.26 12.49 30.11
C HIS A 355 -20.71 13.09 28.82
N GLU A 356 -19.41 12.87 28.54
CA GLU A 356 -18.81 13.35 27.30
C GLU A 356 -19.49 12.70 26.09
N LEU A 357 -19.82 11.41 26.19
CA LEU A 357 -20.46 10.71 25.10
C LEU A 357 -21.87 11.24 24.85
N ARG A 358 -22.65 11.40 25.91
CA ARG A 358 -24.01 11.93 25.75
C ARG A 358 -23.98 13.33 25.15
N GLN A 359 -23.10 14.19 25.67
CA GLN A 359 -22.96 15.55 25.15
C GLN A 359 -22.57 15.55 23.69
N ALA A 360 -21.66 14.66 23.29
CA ALA A 360 -21.30 14.53 21.88
C ALA A 360 -22.51 14.18 21.04
N ALA A 361 -23.31 13.22 21.52
CA ALA A 361 -24.50 12.82 20.76
C ALA A 361 -25.42 14.01 20.55
N PHE A 362 -25.62 14.82 21.59
CA PHE A 362 -26.48 16.00 21.42
C PHE A 362 -25.86 17.04 20.49
N LYS A 363 -24.54 17.18 20.46
CA LYS A 363 -23.94 18.10 19.49
C LYS A 363 -24.26 17.65 18.06
N LEU A 364 -24.10 16.35 17.79
CA LEU A 364 -24.37 15.86 16.45
C LEU A 364 -25.85 15.95 16.12
N TYR A 365 -26.72 15.68 17.10
CA TYR A 365 -28.14 15.86 16.88
C TYR A 365 -28.45 17.31 16.51
N ALA A 366 -27.85 18.26 17.21
CA ALA A 366 -28.12 19.68 16.94
C ALA A 366 -27.71 20.05 15.52
N SER A 367 -26.56 19.55 15.06
CA SER A 367 -26.15 19.86 13.68
C SER A 367 -27.02 19.13 12.66
N LEU A 368 -27.38 17.87 12.94
CA LEU A 368 -28.19 17.09 12.00
C LEU A 368 -29.56 17.71 11.79
N GLY A 369 -30.20 18.16 12.87
CA GLY A 369 -31.56 18.64 12.79
C GLY A 369 -31.67 20.16 12.72
N ALA A 370 -30.61 20.83 12.28
CA ALA A 370 -30.61 22.29 12.28
C ALA A 370 -31.63 22.84 11.29
N ASN A 371 -31.77 22.21 10.12
CA ASN A 371 -32.57 22.75 9.04
C ASN A 371 -33.75 21.89 8.63
N ASP A 372 -33.75 20.59 8.97
CA ASP A 372 -34.80 19.66 8.56
C ASP A 372 -35.52 19.15 9.79
N GLU A 373 -36.82 19.44 9.90
CA GLU A 373 -37.59 19.01 11.06
C GLU A 373 -37.78 17.49 11.08
N ASP A 374 -37.86 16.85 9.91
CA ASP A 374 -38.08 15.41 9.88
C ASP A 374 -36.89 14.66 10.49
N ILE A 375 -35.68 15.20 10.35
CA ILE A 375 -34.53 14.59 11.00
C ILE A 375 -34.65 14.71 12.52
N ARG A 376 -35.11 15.86 13.02
CA ARG A 376 -35.36 16.00 14.46
C ARG A 376 -36.42 15.03 14.93
N LYS A 377 -37.47 14.82 14.13
CA LYS A 377 -38.49 13.82 14.45
C LYS A 377 -37.87 12.43 14.53
N LYS A 378 -37.02 12.09 13.58
CA LYS A 378 -36.34 10.81 13.60
C LYS A 378 -35.53 10.64 14.88
N ILE A 379 -34.79 11.69 15.26
CA ILE A 379 -33.95 11.62 16.45
C ILE A 379 -34.80 11.49 17.71
N ILE A 380 -35.87 12.28 17.81
CA ILE A 380 -36.75 12.19 18.97
C ILE A 380 -37.26 10.76 19.12
N VAL A 381 -37.64 10.13 18.01
CA VAL A 381 -38.13 8.76 18.08
C VAL A 381 -37.00 7.81 18.50
N SER A 382 -35.79 8.05 18.00
CA SER A 382 -34.68 7.13 18.31
C SER A 382 -34.26 7.21 19.77
N LEU A 383 -34.34 8.40 20.39
CA LEU A 383 -33.85 8.58 21.75
C LEU A 383 -34.70 7.89 22.81
N GLY A 384 -35.91 7.46 22.50
CA GLY A 384 -36.73 6.85 23.51
C GLY A 384 -38.01 6.33 22.93
N GLU A 385 -38.67 5.47 23.70
CA GLU A 385 -39.89 4.83 23.25
C GLU A 385 -41.05 5.81 23.37
N GLY A 386 -41.91 5.80 22.36
CA GLY A 386 -42.93 6.81 22.20
C GLY A 386 -42.67 7.67 20.98
N ARG A 387 -43.74 8.06 20.31
CA ARG A 387 -43.64 8.86 19.10
C ARG A 387 -44.20 10.24 19.35
N PRO A 388 -43.52 11.32 18.95
CA PRO A 388 -44.04 12.65 19.24
C PRO A 388 -45.35 12.88 18.53
N PRO A 389 -46.25 13.68 19.10
CA PRO A 389 -47.58 13.88 18.49
C PRO A 389 -47.51 14.52 17.11
N SER B 15 -22.90 -29.70 36.79
CA SER B 15 -23.43 -30.28 38.02
C SER B 15 -24.90 -29.97 38.21
N GLU B 16 -25.42 -29.01 37.44
CA GLU B 16 -26.81 -28.63 37.59
C GLU B 16 -27.28 -27.85 36.35
N VAL B 17 -28.56 -28.00 36.05
CA VAL B 17 -29.25 -27.27 34.99
C VAL B 17 -30.08 -26.17 35.63
N THR B 18 -30.04 -24.97 35.05
CA THR B 18 -30.76 -23.84 35.60
C THR B 18 -32.09 -23.69 34.87
N ALA B 19 -33.03 -22.98 35.52
CA ALA B 19 -34.39 -22.90 35.00
C ALA B 19 -34.45 -22.20 33.65
N SER B 20 -33.58 -21.22 33.41
CA SER B 20 -33.58 -20.52 32.14
C SER B 20 -33.42 -21.50 30.98
N SER B 21 -32.45 -22.41 31.10
CA SER B 21 -32.20 -23.40 30.06
C SER B 21 -33.44 -24.25 29.81
N ARG B 22 -34.10 -24.69 30.87
CA ARG B 22 -35.31 -25.49 30.71
C ARG B 22 -36.37 -24.71 29.95
N HIS B 23 -36.49 -23.40 30.26
CA HIS B 23 -37.51 -22.61 29.59
C HIS B 23 -37.22 -22.47 28.10
N TYR B 24 -35.96 -22.23 27.75
CA TYR B 24 -35.60 -22.12 26.33
C TYR B 24 -35.90 -23.42 25.58
N VAL B 25 -35.48 -24.55 26.17
CA VAL B 25 -35.67 -25.83 25.50
C VAL B 25 -37.15 -26.16 25.38
N ASP B 26 -37.94 -25.84 26.40
CA ASP B 26 -39.37 -26.09 26.32
C ASP B 26 -40.00 -25.22 25.24
N ARG B 27 -39.59 -23.94 25.14
CA ARG B 27 -40.11 -23.09 24.09
C ARG B 27 -39.79 -23.62 22.70
N LEU B 28 -38.70 -24.37 22.55
CA LEU B 28 -38.46 -25.01 21.25
C LEU B 28 -39.51 -26.05 20.91
N PHE B 29 -40.01 -26.80 21.90
CA PHE B 29 -41.00 -27.83 21.65
C PHE B 29 -42.43 -27.30 21.61
N ASP B 30 -42.61 -25.99 21.73
CA ASP B 30 -43.93 -25.37 21.75
C ASP B 30 -44.63 -25.61 20.40
N PRO B 31 -45.97 -25.76 20.41
CA PRO B 31 -46.64 -26.11 19.14
C PRO B 31 -46.72 -24.97 18.15
N ASP B 32 -46.75 -23.72 18.62
CA ASP B 32 -46.87 -22.59 17.73
C ASP B 32 -45.53 -22.33 17.05
N PRO B 33 -45.45 -22.33 15.72
CA PRO B 33 -44.13 -22.12 15.08
C PRO B 33 -43.47 -20.81 15.45
N GLN B 34 -44.25 -19.73 15.51
CA GLN B 34 -43.72 -18.41 15.85
C GLN B 34 -43.07 -18.41 17.23
N LYS B 35 -43.68 -19.08 18.21
CA LYS B 35 -43.11 -19.15 19.55
C LYS B 35 -41.82 -19.97 19.54
N VAL B 36 -41.75 -21.01 18.70
CA VAL B 36 -40.51 -21.77 18.52
C VAL B 36 -39.41 -20.84 18.03
N LEU B 37 -39.74 -19.96 17.08
CA LEU B 37 -38.76 -19.02 16.55
C LEU B 37 -38.21 -18.14 17.67
N GLN B 38 -39.11 -17.60 18.50
CA GLN B 38 -38.66 -16.75 19.59
C GLN B 38 -37.78 -17.51 20.57
N GLY B 39 -38.07 -18.79 20.79
CA GLY B 39 -37.22 -19.58 21.67
C GLY B 39 -35.81 -19.72 21.13
N VAL B 40 -35.70 -19.96 19.82
CA VAL B 40 -34.37 -20.13 19.23
C VAL B 40 -33.60 -18.80 19.26
N ILE B 41 -34.30 -17.68 19.07
CA ILE B 41 -33.64 -16.38 19.16
C ILE B 41 -33.10 -16.17 20.57
N ASP B 42 -33.94 -16.44 21.56
CA ASP B 42 -33.54 -16.27 22.95
C ASP B 42 -32.32 -17.13 23.27
N MSE B 43 -32.27 -18.34 22.73
CA MSE B 43 -31.09 -19.17 22.91
C MSE B 43 -29.87 -18.50 22.30
O MSE B 43 -28.80 -18.50 22.91
CB MSE B 43 -31.27 -20.54 22.28
CG MSE B 43 -32.20 -21.45 23.05
SE MSE B 43 -31.93 -23.30 22.51
CE MSE B 43 -32.27 -23.12 20.61
H MSE B 43 -32.91 -18.69 22.27
HA MSE B 43 -30.96 -19.30 23.87
HB2 MSE B 43 -30.41 -20.99 22.23
HB3 MSE B 43 -31.63 -20.44 21.39
HG2 MSE B 43 -33.11 -21.21 22.86
HG3 MSE B 43 -32.02 -21.38 23.99
HE1 MSE B 43 -32.08 -23.97 20.17
HE2 MSE B 43 -31.70 -22.43 20.24
HE3 MSE B 43 -33.20 -22.88 20.47
N LYS B 44 -30.02 -17.95 21.09
CA LYS B 44 -28.87 -17.34 20.43
C LYS B 44 -28.26 -16.26 21.31
N ASN B 45 -29.10 -15.37 21.85
CA ASN B 45 -28.56 -14.29 22.68
C ASN B 45 -28.13 -14.73 24.08
N ALA B 46 -28.62 -15.87 24.56
CA ALA B 46 -28.31 -16.33 25.91
C ALA B 46 -27.04 -17.16 26.02
N VAL B 47 -26.57 -17.76 24.92
CA VAL B 47 -25.42 -18.65 24.97
C VAL B 47 -24.14 -17.98 24.47
N ILE B 48 -24.17 -16.66 24.31
CA ILE B 48 -23.03 -15.96 23.71
C ILE B 48 -21.77 -16.15 24.56
N GLY B 49 -21.87 -15.91 25.87
CA GLY B 49 -20.65 -15.92 26.68
C GLY B 49 -20.57 -16.99 27.75
N ASN B 50 -21.70 -17.46 28.28
CA ASN B 50 -21.69 -18.48 29.32
C ASN B 50 -21.75 -19.85 28.66
N ASN B 51 -20.62 -20.56 28.69
CA ASN B 51 -20.58 -21.94 28.19
C ASN B 51 -21.45 -22.86 29.03
N LYS B 52 -21.75 -22.46 30.26
CA LYS B 52 -22.65 -23.24 31.10
C LYS B 52 -24.00 -23.40 30.42
N GLN B 53 -24.53 -22.32 29.84
CA GLN B 53 -25.81 -22.40 29.15
C GLN B 53 -25.73 -23.28 27.92
N LYS B 54 -24.61 -23.23 27.17
CA LYS B 54 -24.47 -24.13 26.04
C LYS B 54 -24.58 -25.59 26.49
N ALA B 55 -23.81 -25.97 27.50
CA ALA B 55 -23.86 -27.35 27.96
C ALA B 55 -25.23 -27.71 28.49
N ASN B 56 -25.87 -26.77 29.22
CA ASN B 56 -27.19 -27.02 29.78
C ASN B 56 -28.22 -27.26 28.68
N LEU B 57 -28.13 -26.51 27.58
CA LEU B 57 -29.08 -26.68 26.48
C LEU B 57 -28.80 -27.94 25.68
N ILE B 58 -27.54 -28.34 25.58
CA ILE B 58 -27.22 -29.59 24.88
C ILE B 58 -27.67 -30.79 25.70
N VAL B 59 -27.52 -30.70 27.03
CA VAL B 59 -27.92 -31.80 27.91
C VAL B 59 -29.44 -31.95 27.92
N LEU B 60 -30.17 -30.83 27.85
CA LEU B 60 -31.62 -30.88 27.78
C LEU B 60 -32.14 -31.33 26.41
N GLY B 61 -31.25 -31.51 25.44
CA GLY B 61 -31.65 -32.03 24.15
C GLY B 61 -32.06 -30.98 23.13
N ALA B 62 -31.45 -29.79 23.18
CA ALA B 62 -31.79 -28.74 22.22
C ALA B 62 -31.21 -29.04 20.84
N VAL B 63 -30.07 -29.72 20.77
CA VAL B 63 -29.42 -29.95 19.48
C VAL B 63 -30.26 -30.80 18.55
N PRO B 64 -30.80 -31.95 18.97
CA PRO B 64 -31.68 -32.71 18.07
C PRO B 64 -32.86 -31.91 17.57
N ARG B 65 -33.50 -31.14 18.45
CA ARG B 65 -34.65 -30.33 18.05
C ARG B 65 -34.25 -29.25 17.06
N LEU B 66 -33.10 -28.60 17.29
CA LEU B 66 -32.62 -27.59 16.36
C LEU B 66 -32.39 -28.20 14.98
N LEU B 67 -31.79 -29.38 14.94
CA LEU B 67 -31.57 -30.04 13.66
C LEU B 67 -32.89 -30.44 13.01
N TYR B 68 -33.86 -30.89 13.81
CA TYR B 68 -35.17 -31.26 13.28
C TYR B 68 -35.86 -30.06 12.65
N LEU B 69 -35.74 -28.88 13.26
CA LEU B 69 -36.42 -27.72 12.72
C LEU B 69 -35.94 -27.41 11.30
N LEU B 70 -34.72 -27.81 10.95
CA LEU B 70 -34.24 -27.77 9.56
C LEU B 70 -34.69 -28.98 8.75
N GLN B 71 -35.77 -29.64 9.12
CA GLN B 71 -36.18 -30.86 8.45
C GLN B 71 -36.93 -30.57 7.16
N GLN B 72 -38.01 -29.80 7.23
CA GLN B 72 -38.91 -29.65 6.11
C GLN B 72 -38.97 -28.19 5.67
N GLU B 73 -39.35 -27.99 4.41
CA GLU B 73 -39.62 -26.65 3.91
C GLU B 73 -40.77 -25.98 4.64
N THR B 74 -41.60 -26.76 5.35
CA THR B 74 -42.59 -26.15 6.22
C THR B 74 -41.92 -25.24 7.24
N SER B 75 -40.71 -25.60 7.65
CA SER B 75 -39.90 -24.73 8.51
C SER B 75 -39.55 -23.48 7.71
N SER B 76 -39.74 -22.31 8.31
CA SER B 76 -39.42 -21.09 7.58
C SER B 76 -37.91 -21.01 7.36
N THR B 77 -37.53 -20.25 6.34
CA THR B 77 -36.11 -20.00 6.11
C THR B 77 -35.52 -19.19 7.24
N GLU B 78 -36.32 -18.29 7.82
CA GLU B 78 -35.89 -17.49 8.96
C GLU B 78 -35.56 -18.38 10.15
N LEU B 79 -36.46 -19.32 10.45
CA LEU B 79 -36.25 -20.25 11.56
C LEU B 79 -35.03 -21.12 11.32
N LYS B 80 -34.85 -21.61 10.09
CA LYS B 80 -33.67 -22.42 9.81
C LYS B 80 -32.39 -21.59 10.02
N THR B 81 -32.40 -20.33 9.59
CA THR B 81 -31.21 -19.50 9.76
C THR B 81 -30.89 -19.33 11.24
N GLU B 82 -31.90 -19.03 12.06
CA GLU B 82 -31.63 -18.83 13.49
C GLU B 82 -31.19 -20.14 14.15
N CYS B 83 -31.76 -21.27 13.73
CA CYS B 83 -31.35 -22.55 14.28
C CYS B 83 -29.89 -22.86 13.93
N ALA B 84 -29.49 -22.58 12.69
CA ALA B 84 -28.09 -22.77 12.31
C ALA B 84 -27.18 -21.85 13.11
N VAL B 85 -27.63 -20.62 13.36
CA VAL B 85 -26.84 -19.68 14.16
C VAL B 85 -26.62 -20.24 15.56
N VAL B 86 -27.69 -20.73 16.19
CA VAL B 86 -27.56 -21.27 17.53
C VAL B 86 -26.64 -22.49 17.51
N LEU B 87 -26.81 -23.39 16.54
CA LEU B 87 -25.97 -24.57 16.48
C LEU B 87 -24.50 -24.19 16.33
N GLY B 88 -24.21 -23.14 15.57
CA GLY B 88 -22.84 -22.66 15.48
C GLY B 88 -22.34 -22.09 16.79
N SER B 89 -23.20 -21.35 17.50
CA SER B 89 -22.80 -20.76 18.77
C SER B 89 -22.52 -21.83 19.81
N LEU B 90 -23.29 -22.93 19.80
CA LEU B 90 -22.98 -24.05 20.69
C LEU B 90 -21.68 -24.73 20.30
N ALA B 91 -21.37 -24.79 19.01
CA ALA B 91 -20.14 -25.40 18.56
C ALA B 91 -18.91 -24.59 18.94
N MSE B 92 -19.08 -23.33 19.35
CA MSE B 92 -17.95 -22.48 19.72
C MSE B 92 -17.46 -22.81 21.12
O MSE B 92 -16.42 -22.30 21.56
CB MSE B 92 -18.34 -21.00 19.61
CG MSE B 92 -18.59 -20.53 18.18
SE MSE B 92 -18.82 -18.59 18.01
CE MSE B 92 -16.95 -18.04 18.06
H MSE B 92 -19.85 -22.95 19.43
HA MSE B 92 -17.24 -22.64 19.08
HB2 MSE B 92 -17.62 -20.47 19.98
HB3 MSE B 92 -19.16 -20.86 20.12
HG2 MSE B 92 -19.39 -20.95 17.84
HG3 MSE B 92 -17.83 -20.78 17.64
HE1 MSE B 92 -16.90 -17.07 18.02
HE2 MSE B 92 -16.48 -18.43 17.30
HE3 MSE B 92 -16.55 -18.35 18.89
N GLY B 93 -18.19 -23.67 21.82
CA GLY B 93 -17.81 -24.03 23.18
C GLY B 93 -16.73 -25.09 23.24
N THR B 94 -16.85 -25.98 24.22
CA THR B 94 -15.85 -27.00 24.48
C THR B 94 -15.83 -28.05 23.37
N GLU B 95 -14.81 -28.92 23.44
CA GLU B 95 -14.71 -30.02 22.49
C GLU B 95 -15.87 -31.00 22.68
N ASN B 96 -16.34 -31.15 23.93
CA ASN B 96 -17.46 -32.03 24.22
C ASN B 96 -18.69 -31.60 23.43
N ASN B 97 -18.91 -30.29 23.31
CA ASN B 97 -20.06 -29.79 22.56
C ASN B 97 -19.95 -30.13 21.09
N VAL B 98 -18.75 -29.99 20.52
CA VAL B 98 -18.56 -30.33 19.10
C VAL B 98 -18.81 -31.82 18.89
N LYS B 99 -18.33 -32.67 19.81
CA LYS B 99 -18.63 -34.10 19.69
C LYS B 99 -20.13 -34.35 19.78
N SER B 100 -20.82 -33.65 20.68
CA SER B 100 -22.27 -33.83 20.79
C SER B 100 -22.96 -33.48 19.49
N LEU B 101 -22.54 -32.38 18.85
CA LEU B 101 -23.14 -32.00 17.58
C LEU B 101 -22.81 -33.01 16.48
N LEU B 102 -21.58 -33.53 16.46
CA LEU B 102 -21.21 -34.52 15.47
C LEU B 102 -22.02 -35.80 15.63
N ASP B 103 -22.25 -36.22 16.87
CA ASP B 103 -22.99 -37.46 17.11
C ASP B 103 -24.41 -37.39 16.58
N CYS B 104 -24.98 -36.18 16.45
CA CYS B 104 -26.31 -35.99 15.90
C CYS B 104 -26.31 -35.80 14.38
N HIS B 105 -25.16 -35.97 13.72
CA HIS B 105 -25.08 -35.88 12.27
C HIS B 105 -25.50 -34.49 11.77
N ILE B 106 -24.87 -33.46 12.34
CA ILE B 106 -25.22 -32.09 11.98
C ILE B 106 -24.64 -31.71 10.62
N ILE B 107 -23.43 -32.18 10.32
CA ILE B 107 -22.73 -31.75 9.11
C ILE B 107 -23.49 -32.10 7.83
N PRO B 108 -24.03 -33.31 7.66
CA PRO B 108 -24.84 -33.57 6.47
C PRO B 108 -25.97 -32.58 6.29
N ALA B 109 -26.68 -32.24 7.37
CA ALA B 109 -27.80 -31.32 7.26
C ALA B 109 -27.35 -29.92 6.88
N LEU B 110 -26.24 -29.44 7.46
CA LEU B 110 -25.73 -28.13 7.08
C LEU B 110 -25.32 -28.11 5.61
N LEU B 111 -24.71 -29.20 5.14
CA LEU B 111 -24.31 -29.27 3.74
C LEU B 111 -25.54 -29.25 2.83
N GLN B 112 -26.63 -29.90 3.24
CA GLN B 112 -27.87 -29.81 2.49
C GLN B 112 -28.42 -28.38 2.51
N GLY B 113 -28.19 -27.67 3.62
CA GLY B 113 -28.64 -26.29 3.70
C GLY B 113 -27.90 -25.36 2.77
N LEU B 114 -26.67 -25.72 2.41
CA LEU B 114 -25.91 -24.86 1.50
C LEU B 114 -26.52 -24.74 0.10
N LEU B 115 -27.52 -25.56 -0.26
CA LEU B 115 -28.18 -25.45 -1.55
C LEU B 115 -29.30 -24.41 -1.58
N SER B 116 -29.52 -23.68 -0.48
CA SER B 116 -30.64 -22.76 -0.41
C SER B 116 -30.37 -21.49 -1.22
N PRO B 117 -31.42 -20.86 -1.75
CA PRO B 117 -31.21 -19.57 -2.44
C PRO B 117 -30.81 -18.45 -1.51
N ASP B 118 -31.27 -18.47 -0.26
CA ASP B 118 -31.01 -17.37 0.66
C ASP B 118 -29.56 -17.32 1.09
N LEU B 119 -28.97 -16.12 1.07
CA LEU B 119 -27.59 -15.97 1.50
C LEU B 119 -27.45 -16.08 3.02
N LYS B 120 -28.41 -15.51 3.77
CA LYS B 120 -28.33 -15.54 5.22
C LYS B 120 -28.24 -16.97 5.75
N PHE B 121 -29.07 -17.86 5.22
CA PHE B 121 -29.07 -19.25 5.67
C PHE B 121 -27.79 -19.96 5.28
N ILE B 122 -27.28 -19.69 4.07
CA ILE B 122 -26.01 -20.27 3.63
C ILE B 122 -24.87 -19.82 4.54
N GLU B 123 -24.83 -18.51 4.89
CA GLU B 123 -23.78 -18.01 5.76
C GLU B 123 -23.89 -18.63 7.15
N ALA B 124 -25.11 -18.80 7.67
CA ALA B 124 -25.24 -19.43 8.98
C ALA B 124 -24.73 -20.87 8.95
N CYS B 125 -25.10 -21.62 7.90
CA CYS B 125 -24.63 -23.00 7.78
C CYS B 125 -23.11 -23.04 7.61
N LEU B 126 -22.55 -22.12 6.83
CA LEU B 126 -21.11 -22.09 6.66
C LEU B 126 -20.39 -21.69 7.94
N ARG B 127 -21.00 -20.82 8.75
CA ARG B 127 -20.43 -20.47 10.04
C ARG B 127 -20.36 -21.69 10.94
N CYS B 128 -21.46 -22.45 11.00
CA CYS B 128 -21.45 -23.66 11.82
C CYS B 128 -20.43 -24.67 11.31
N LEU B 129 -20.41 -24.88 9.99
CA LEU B 129 -19.44 -25.82 9.40
C LEU B 129 -18.02 -25.37 9.68
N ARG B 130 -17.76 -24.06 9.64
CA ARG B 130 -16.44 -23.54 9.95
C ARG B 130 -16.06 -23.89 11.38
N THR B 131 -16.94 -23.55 12.33
CA THR B 131 -16.62 -23.80 13.73
C THR B 131 -16.39 -25.28 13.99
N ILE B 132 -17.21 -26.15 13.38
CA ILE B 132 -17.07 -27.58 13.61
C ILE B 132 -15.78 -28.11 13.00
N PHE B 133 -15.54 -27.82 11.72
CA PHE B 133 -14.37 -28.37 11.04
C PHE B 133 -13.06 -27.83 11.60
N THR B 134 -13.08 -26.64 12.22
CA THR B 134 -11.87 -26.16 12.86
C THR B 134 -11.51 -26.96 14.10
N SER B 135 -12.50 -27.51 14.79
CA SER B 135 -12.23 -28.28 16.01
C SER B 135 -11.48 -29.56 15.67
N PRO B 136 -10.56 -30.00 16.53
CA PRO B 136 -9.79 -31.23 16.22
C PRO B 136 -10.65 -32.48 16.16
N VAL B 137 -11.70 -32.57 16.99
CA VAL B 137 -12.51 -33.78 17.07
C VAL B 137 -13.20 -34.12 15.76
N THR B 138 -13.29 -33.17 14.84
CA THR B 138 -14.04 -33.37 13.61
C THR B 138 -13.18 -34.10 12.58
N PRO B 139 -13.61 -35.26 12.06
CA PRO B 139 -12.84 -35.89 10.98
C PRO B 139 -12.95 -35.05 9.72
N GLU B 140 -11.81 -34.84 9.05
CA GLU B 140 -11.81 -34.05 7.84
C GLU B 140 -12.55 -34.75 6.71
N GLU B 141 -12.57 -36.09 6.73
CA GLU B 141 -13.22 -36.84 5.67
C GLU B 141 -14.69 -36.46 5.52
N LEU B 142 -15.31 -35.91 6.57
CA LEU B 142 -16.71 -35.53 6.48
C LEU B 142 -16.94 -34.55 5.32
N LEU B 143 -15.96 -33.67 5.06
CA LEU B 143 -16.09 -32.75 3.94
C LEU B 143 -16.05 -33.48 2.60
N TYR B 144 -15.27 -34.56 2.52
CA TYR B 144 -15.02 -35.25 1.26
C TYR B 144 -15.94 -36.45 1.03
N THR B 145 -16.75 -36.86 2.01
CA THR B 145 -17.59 -38.04 1.82
C THR B 145 -18.55 -37.87 0.66
N ASP B 146 -19.15 -36.68 0.54
CA ASP B 146 -20.01 -36.34 -0.59
C ASP B 146 -19.17 -35.56 -1.60
N ALA B 147 -19.02 -36.10 -2.81
CA ALA B 147 -18.08 -35.54 -3.78
C ALA B 147 -18.51 -34.17 -4.25
N THR B 148 -19.81 -33.88 -4.24
CA THR B 148 -20.30 -32.60 -4.73
C THR B 148 -20.07 -31.45 -3.76
N VAL B 149 -19.71 -31.76 -2.51
CA VAL B 149 -19.63 -30.73 -1.47
C VAL B 149 -18.56 -29.70 -1.79
N ILE B 150 -17.35 -30.16 -2.13
CA ILE B 150 -16.25 -29.24 -2.39
C ILE B 150 -16.51 -28.43 -3.65
N PRO B 151 -16.98 -29.03 -4.75
CA PRO B 151 -17.36 -28.20 -5.90
C PRO B 151 -18.40 -27.14 -5.56
N HIS B 152 -19.44 -27.50 -4.80
CA HIS B 152 -20.43 -26.51 -4.40
C HIS B 152 -19.80 -25.40 -3.56
N LEU B 153 -18.91 -25.78 -2.63
CA LEU B 153 -18.24 -24.77 -1.81
C LEU B 153 -17.40 -23.83 -2.65
N MSE B 154 -16.69 -24.38 -3.64
CA MSE B 154 -15.89 -23.55 -4.53
C MSE B 154 -16.80 -22.55 -5.25
O MSE B 154 -16.44 -21.39 -5.42
CB MSE B 154 -15.13 -24.40 -5.53
CG MSE B 154 -13.94 -25.13 -4.95
SE MSE B 154 -12.43 -23.95 -4.52
CE MSE B 154 -12.25 -23.17 -6.28
H MSE B 154 -16.66 -25.22 -3.81
HA MSE B 154 -15.23 -23.07 -4.02
HB2 MSE B 154 -14.81 -23.83 -6.26
HB3 MSE B 154 -15.74 -25.08 -5.89
HG2 MSE B 154 -13.63 -25.80 -5.58
HG3 MSE B 154 -14.21 -25.57 -4.13
HE1 MSE B 154 -11.31 -22.96 -6.43
HE2 MSE B 154 -12.79 -22.37 -6.32
HE3 MSE B 154 -12.55 -23.82 -6.94
N ALA B 155 -17.98 -23.01 -5.66
CA ALA B 155 -18.93 -22.10 -6.31
C ALA B 155 -19.38 -21.00 -5.35
N LEU B 156 -19.61 -21.35 -4.08
CA LEU B 156 -20.05 -20.38 -3.09
C LEU B 156 -18.92 -19.51 -2.55
N LEU B 157 -17.68 -19.77 -2.95
CA LEU B 157 -16.53 -19.11 -2.32
C LEU B 157 -16.67 -17.59 -2.37
N SER B 158 -17.18 -17.04 -3.47
CA SER B 158 -17.15 -15.60 -3.69
C SER B 158 -18.57 -15.03 -3.80
N ARG B 159 -19.43 -15.42 -2.88
CA ARG B 159 -20.79 -14.87 -2.83
C ARG B 159 -20.87 -13.67 -1.90
N SER B 160 -20.14 -13.72 -0.79
CA SER B 160 -20.07 -12.61 0.15
C SER B 160 -18.73 -12.70 0.86
N ARG B 161 -18.36 -11.63 1.58
CA ARG B 161 -17.11 -11.66 2.34
C ARG B 161 -17.15 -12.73 3.43
N TYR B 162 -18.34 -12.99 3.97
CA TYR B 162 -18.47 -14.02 5.00
C TYR B 162 -18.31 -15.42 4.42
N THR B 163 -18.87 -15.66 3.23
CA THR B 163 -18.67 -16.95 2.59
C THR B 163 -17.19 -17.17 2.27
N GLN B 164 -16.51 -16.12 1.80
CA GLN B 164 -15.08 -16.23 1.54
C GLN B 164 -14.33 -16.65 2.79
N GLU B 165 -14.56 -15.95 3.90
CA GLU B 165 -13.84 -16.26 5.14
C GLU B 165 -14.12 -17.69 5.58
N TYR B 166 -15.40 -18.07 5.66
CA TYR B 166 -15.75 -19.37 6.22
C TYR B 166 -15.25 -20.51 5.35
N ILE B 167 -15.49 -20.45 4.03
CA ILE B 167 -15.08 -21.57 3.20
C ILE B 167 -13.57 -21.70 3.16
N CYS B 168 -12.84 -20.57 3.21
CA CYS B 168 -11.39 -20.69 3.27
C CYS B 168 -10.96 -21.39 4.56
N GLN B 169 -11.59 -21.04 5.69
CA GLN B 169 -11.22 -21.69 6.95
C GLN B 169 -11.52 -23.19 6.88
N ILE B 170 -12.68 -23.56 6.34
CA ILE B 170 -13.06 -24.97 6.24
C ILE B 170 -12.02 -25.74 5.44
N PHE B 171 -11.65 -25.20 4.27
CA PHE B 171 -10.65 -25.87 3.44
C PHE B 171 -9.32 -25.98 4.18
N SER B 172 -8.88 -24.89 4.82
CA SER B 172 -7.57 -24.90 5.45
C SER B 172 -7.50 -25.94 6.55
N HIS B 173 -8.59 -26.14 7.29
CA HIS B 173 -8.55 -27.15 8.35
C HIS B 173 -8.82 -28.56 7.84
N CYS B 174 -9.44 -28.73 6.68
CA CYS B 174 -9.70 -30.07 6.17
C CYS B 174 -8.73 -30.52 5.09
N CYS B 175 -7.66 -29.75 4.86
CA CYS B 175 -6.61 -30.15 3.94
C CYS B 175 -5.52 -30.89 4.72
N LYS B 176 -5.30 -32.16 4.39
CA LYS B 176 -4.22 -32.93 4.98
C LYS B 176 -3.92 -34.15 4.14
N GLY B 177 -2.67 -34.30 3.75
CA GLY B 177 -2.20 -35.40 2.95
C GLY B 177 -2.35 -35.14 1.46
N PRO B 178 -1.72 -35.99 0.64
CA PRO B 178 -1.74 -35.72 -0.81
C PRO B 178 -3.14 -35.72 -1.40
N ASP B 179 -3.97 -36.69 -1.04
CA ASP B 179 -5.27 -36.86 -1.68
C ASP B 179 -6.15 -35.64 -1.45
N HIS B 180 -6.27 -35.19 -0.20
CA HIS B 180 -7.12 -34.04 0.07
C HIS B 180 -6.55 -32.74 -0.46
N GLN B 181 -5.23 -32.68 -0.69
CA GLN B 181 -4.66 -31.55 -1.40
C GLN B 181 -5.03 -31.59 -2.87
N THR B 182 -4.98 -32.77 -3.49
CA THR B 182 -5.25 -32.92 -4.90
C THR B 182 -6.73 -32.69 -5.22
N ILE B 183 -7.63 -33.08 -4.31
CA ILE B 183 -9.03 -32.80 -4.53
C ILE B 183 -9.25 -31.29 -4.62
N LEU B 184 -8.67 -30.54 -3.69
CA LEU B 184 -8.82 -29.09 -3.70
C LEU B 184 -8.13 -28.47 -4.91
N PHE B 185 -6.95 -28.96 -5.24
CA PHE B 185 -6.18 -28.41 -6.36
C PHE B 185 -6.87 -28.64 -7.69
N ASN B 186 -7.45 -29.82 -7.89
CA ASN B 186 -8.12 -30.11 -9.15
C ASN B 186 -9.35 -29.23 -9.35
N HIS B 187 -9.99 -28.82 -8.25
CA HIS B 187 -11.17 -27.99 -8.32
C HIS B 187 -10.84 -26.49 -8.33
N GLY B 188 -9.56 -26.14 -8.49
CA GLY B 188 -9.18 -24.76 -8.69
C GLY B 188 -8.99 -23.96 -7.42
N ALA B 189 -8.47 -24.59 -6.37
CA ALA B 189 -8.32 -23.89 -5.10
C ALA B 189 -7.36 -22.71 -5.24
N VAL B 190 -6.20 -22.95 -5.84
CA VAL B 190 -5.19 -21.88 -5.92
C VAL B 190 -5.72 -20.70 -6.72
N GLN B 191 -6.31 -20.99 -7.89
CA GLN B 191 -6.79 -19.92 -8.76
C GLN B 191 -7.92 -19.13 -8.10
N ASN B 192 -8.86 -19.82 -7.45
CA ASN B 192 -10.02 -19.15 -6.87
C ASN B 192 -9.68 -18.41 -5.58
N ILE B 193 -8.75 -18.95 -4.79
CA ILE B 193 -8.40 -18.35 -3.51
C ILE B 193 -7.37 -17.24 -3.66
N ALA B 194 -6.60 -17.22 -4.76
CA ALA B 194 -5.58 -16.20 -4.92
C ALA B 194 -6.22 -14.81 -4.93
N HIS B 195 -7.37 -14.66 -5.59
CA HIS B 195 -8.01 -13.36 -5.66
C HIS B 195 -8.43 -12.83 -4.28
N LEU B 196 -8.57 -13.73 -3.29
CA LEU B 196 -8.98 -13.31 -1.96
C LEU B 196 -7.88 -12.63 -1.17
N LEU B 197 -6.61 -12.85 -1.53
CA LEU B 197 -5.50 -12.20 -0.84
C LEU B 197 -5.49 -10.68 -1.04
N THR B 198 -6.20 -10.18 -2.05
CA THR B 198 -6.33 -8.75 -2.28
C THR B 198 -7.64 -8.19 -1.77
N SER B 199 -8.38 -8.97 -0.98
CA SER B 199 -9.68 -8.53 -0.50
C SER B 199 -9.52 -7.37 0.47
N PRO B 200 -10.50 -6.47 0.54
CA PRO B 200 -10.43 -5.38 1.55
C PRO B 200 -10.55 -5.87 2.98
N SER B 201 -10.97 -7.12 3.20
CA SER B 201 -11.15 -7.68 4.53
C SER B 201 -9.90 -8.45 4.94
N TYR B 202 -9.32 -8.09 6.09
CA TYR B 202 -8.19 -8.84 6.59
C TYR B 202 -8.59 -10.27 6.91
N LYS B 203 -9.80 -10.46 7.44
CA LYS B 203 -10.25 -11.79 7.83
C LYS B 203 -10.22 -12.75 6.65
N VAL B 204 -10.67 -12.29 5.48
CA VAL B 204 -10.55 -13.09 4.27
C VAL B 204 -9.08 -13.26 3.90
N ARG B 205 -8.36 -12.14 3.80
CA ARG B 205 -6.95 -12.17 3.43
C ARG B 205 -6.13 -13.09 4.33
N MSE B 206 -6.46 -13.13 5.62
CA MSE B 206 -5.78 -14.04 6.53
C MSE B 206 -6.10 -15.48 6.14
O MSE B 206 -5.21 -16.28 5.88
CB MSE B 206 -6.19 -13.80 7.98
CG MSE B 206 -5.49 -14.72 8.97
SE MSE B 206 -3.56 -14.53 8.86
CE MSE B 206 -3.09 -16.41 8.60
H MSE B 206 -7.07 -12.65 5.99
HA MSE B 206 -4.83 -13.89 6.48
HB2 MSE B 206 -7.15 -13.94 8.06
HB3 MSE B 206 -5.98 -12.88 8.22
HG2 MSE B 206 -5.72 -15.64 8.77
HG3 MSE B 206 -5.78 -14.50 9.87
HE1 MSE B 206 -2.13 -16.47 8.42
HE2 MSE B 206 -3.59 -16.76 7.85
HE3 MSE B 206 -3.30 -16.90 9.41
N GLN B 207 -7.40 -15.80 6.09
CA GLN B 207 -7.81 -17.18 5.90
C GLN B 207 -7.35 -17.70 4.54
N ALA B 208 -7.45 -16.87 3.51
CA ALA B 208 -6.93 -17.27 2.20
C ALA B 208 -5.47 -17.68 2.33
N LEU B 209 -4.68 -16.88 3.03
CA LEU B 209 -3.28 -17.20 3.24
C LEU B 209 -3.12 -18.61 3.82
N LYS B 210 -3.91 -18.93 4.84
CA LYS B 210 -3.78 -20.25 5.46
C LYS B 210 -3.93 -21.36 4.43
N CYS B 211 -4.93 -21.25 3.55
CA CYS B 211 -5.13 -22.30 2.56
C CYS B 211 -3.82 -22.58 1.82
N PHE B 212 -3.16 -21.52 1.36
CA PHE B 212 -1.94 -21.71 0.57
C PHE B 212 -0.90 -22.44 1.40
N SER B 213 -0.78 -22.11 2.69
CA SER B 213 0.20 -22.78 3.52
C SER B 213 -0.09 -24.28 3.58
N VAL B 214 -1.34 -24.64 3.84
CA VAL B 214 -1.66 -26.06 4.01
C VAL B 214 -1.69 -26.77 2.66
N LEU B 215 -2.08 -26.07 1.61
CA LEU B 215 -2.18 -26.69 0.29
C LEU B 215 -0.81 -26.95 -0.30
N ALA B 216 0.22 -26.23 0.14
CA ALA B 216 1.56 -26.33 -0.42
C ALA B 216 2.57 -26.97 0.54
N PHE B 217 2.10 -27.70 1.55
CA PHE B 217 2.99 -28.19 2.60
C PHE B 217 4.10 -29.04 2.03
N GLU B 218 3.74 -30.12 1.35
CA GLU B 218 4.73 -31.01 0.74
C GLU B 218 4.33 -31.32 -0.69
N ASN B 219 3.75 -30.33 -1.38
CA ASN B 219 3.29 -30.51 -2.75
C ASN B 219 4.11 -29.65 -3.71
N PRO B 220 5.13 -30.20 -4.35
CA PRO B 220 5.88 -29.41 -5.36
C PRO B 220 4.98 -28.96 -6.50
N GLN B 221 3.94 -29.75 -6.80
CA GLN B 221 3.05 -29.42 -7.90
C GLN B 221 2.41 -28.05 -7.70
N VAL B 222 1.82 -27.81 -6.52
CA VAL B 222 1.17 -26.52 -6.30
C VAL B 222 2.21 -25.41 -6.23
N SER B 223 3.37 -25.68 -5.63
CA SER B 223 4.41 -24.67 -5.56
C SER B 223 4.75 -24.13 -6.95
N MSE B 224 4.97 -25.03 -7.90
CA MSE B 224 5.15 -24.64 -9.30
C MSE B 224 4.00 -23.71 -9.71
O MSE B 224 4.23 -22.59 -10.20
CB MSE B 224 5.21 -25.86 -10.21
CG MSE B 224 5.43 -25.56 -11.70
SE MSE B 224 7.15 -24.72 -12.12
CE MSE B 224 6.84 -24.31 -14.00
H MSE B 224 5.03 -25.87 -7.77
HA MSE B 224 5.99 -24.17 -9.40
HB2 MSE B 224 4.38 -26.35 -10.13
HB3 MSE B 224 5.95 -26.43 -9.92
HG2 MSE B 224 4.73 -24.94 -11.99
HG3 MSE B 224 5.38 -26.39 -12.20
HE1 MSE B 224 7.63 -23.89 -14.37
HE2 MSE B 224 6.08 -23.71 -14.08
HE3 MSE B 224 6.66 -25.14 -14.47
N THR B 225 2.76 -24.17 -9.50
CA THR B 225 1.61 -23.33 -9.82
C THR B 225 1.68 -22.00 -9.09
N LEU B 226 2.05 -22.01 -7.80
CA LEU B 226 2.08 -20.76 -7.03
C LEU B 226 3.13 -19.81 -7.59
N VAL B 227 4.19 -20.33 -8.21
CA VAL B 227 5.25 -19.46 -8.68
C VAL B 227 4.72 -18.49 -9.73
N ASN B 228 3.82 -18.94 -10.59
CA ASN B 228 3.36 -18.16 -11.74
C ASN B 228 1.99 -17.54 -11.54
N VAL B 229 1.34 -17.75 -10.40
CA VAL B 229 0.04 -17.14 -10.17
C VAL B 229 0.20 -15.63 -10.08
N LEU B 230 -0.66 -14.90 -10.78
CA LEU B 230 -0.59 -13.45 -10.86
C LEU B 230 -1.87 -12.83 -10.31
N VAL B 231 -1.72 -11.92 -9.37
CA VAL B 231 -2.84 -11.23 -8.73
C VAL B 231 -2.60 -9.73 -8.92
N ASP B 232 -3.43 -9.09 -9.74
CA ASP B 232 -3.33 -7.66 -9.99
C ASP B 232 -1.90 -7.31 -10.43
N GLY B 233 -1.33 -8.17 -11.27
CA GLY B 233 -0.01 -7.93 -11.80
C GLY B 233 1.13 -8.30 -10.87
N GLU B 234 0.83 -8.89 -9.72
CA GLU B 234 1.85 -9.23 -8.73
C GLU B 234 1.92 -10.75 -8.63
N LEU B 235 3.14 -11.29 -8.64
CA LEU B 235 3.32 -12.72 -8.44
C LEU B 235 3.04 -13.11 -7.00
N LEU B 236 2.45 -14.29 -6.82
CA LEU B 236 2.00 -14.69 -5.49
C LEU B 236 3.12 -14.74 -4.46
N PRO B 237 4.28 -15.31 -4.75
CA PRO B 237 5.34 -15.34 -3.72
C PRO B 237 5.73 -13.94 -3.26
N GLN B 238 5.68 -12.95 -4.15
CA GLN B 238 5.95 -11.58 -3.73
C GLN B 238 4.87 -11.06 -2.82
N ILE B 239 3.62 -11.50 -3.02
CA ILE B 239 2.57 -11.14 -2.08
C ILE B 239 2.87 -11.73 -0.71
N PHE B 240 3.37 -12.97 -0.69
CA PHE B 240 3.75 -13.56 0.59
C PHE B 240 4.85 -12.75 1.26
N VAL B 241 5.87 -12.37 0.48
CA VAL B 241 7.00 -11.64 1.04
C VAL B 241 6.53 -10.34 1.69
N LYS B 242 5.55 -9.68 1.07
CA LYS B 242 5.00 -8.46 1.65
C LYS B 242 4.28 -8.72 2.96
N MSE B 243 3.72 -9.91 3.13
CA MSE B 243 2.93 -10.21 4.33
C MSE B 243 3.82 -10.73 5.47
O MSE B 243 3.32 -11.05 6.56
CB MSE B 243 1.84 -11.24 3.99
CG MSE B 243 0.72 -10.64 3.15
SE MSE B 243 -0.80 -11.82 2.81
CE MSE B 243 0.12 -13.22 1.83
H MSE B 243 3.76 -10.55 2.57
HA MSE B 243 2.50 -9.40 4.63
HB2 MSE B 243 1.45 -11.57 4.82
HB3 MSE B 243 2.24 -11.97 3.50
HG2 MSE B 243 1.09 -10.40 2.28
HG3 MSE B 243 0.38 -9.86 3.60
HE1 MSE B 243 -0.54 -13.76 1.36
HE2 MSE B 243 0.61 -13.79 2.45
HE3 MSE B 243 0.73 -12.82 1.19
N LEU B 244 5.13 -10.78 5.23
CA LEU B 244 6.08 -10.98 6.32
C LEU B 244 6.42 -9.69 7.05
N GLN B 245 6.05 -8.54 6.50
CA GLN B 245 6.48 -7.27 7.08
C GLN B 245 5.91 -7.10 8.48
N ARG B 246 6.66 -6.38 9.33
CA ARG B 246 6.26 -6.25 10.72
C ARG B 246 4.96 -5.48 10.89
N ASP B 247 4.61 -4.62 9.93
CA ASP B 247 3.36 -3.88 10.04
C ASP B 247 2.16 -4.82 9.99
N LYS B 248 2.31 -6.00 9.40
CA LYS B 248 1.24 -6.99 9.34
C LYS B 248 1.10 -7.70 10.68
N PRO B 249 -0.05 -8.30 10.96
CA PRO B 249 -0.20 -9.05 12.22
C PRO B 249 0.72 -10.24 12.28
N ILE B 250 0.95 -10.70 13.51
CA ILE B 250 1.87 -11.82 13.75
C ILE B 250 1.36 -13.09 13.09
N GLU B 251 0.06 -13.39 13.26
CA GLU B 251 -0.50 -14.60 12.67
C GLU B 251 -0.27 -14.62 11.16
N MSE B 252 -0.38 -13.46 10.51
CA MSE B 252 -0.11 -13.37 9.08
C MSE B 252 1.36 -13.71 8.81
O MSE B 252 1.64 -14.63 8.02
CB MSE B 252 -0.45 -11.96 8.57
CG MSE B 252 -0.21 -11.72 7.08
SE MSE B 252 -1.23 -10.18 6.41
CE MSE B 252 -2.94 -11.06 6.05
H MSE B 252 -0.61 -12.72 10.87
HA MSE B 252 -0.68 -13.98 8.59
HB2 MSE B 252 0.10 -11.32 9.05
HB3 MSE B 252 -1.38 -11.78 8.74
HG2 MSE B 252 -0.50 -12.51 6.59
HG3 MSE B 252 0.73 -11.56 6.92
HE1 MSE B 252 -3.58 -10.38 5.77
HE2 MSE B 252 -3.24 -11.49 6.85
HE3 MSE B 252 -2.81 -11.71 5.34
N GLN B 253 2.27 -13.03 9.50
CA GLN B 253 3.69 -13.23 9.23
C GLN B 253 4.04 -14.70 9.26
N LEU B 254 3.74 -15.37 10.39
CA LEU B 254 4.08 -16.77 10.53
C LEU B 254 3.54 -17.57 9.35
N THR B 255 2.26 -17.37 9.03
CA THR B 255 1.66 -18.15 7.95
C THR B 255 2.37 -17.85 6.63
N SER B 256 2.64 -16.57 6.34
CA SER B 256 3.39 -16.26 5.14
C SER B 256 4.70 -17.04 5.13
N ALA B 257 5.42 -17.01 6.26
CA ALA B 257 6.69 -17.71 6.33
C ALA B 257 6.49 -19.18 6.00
N LYS B 258 5.43 -19.78 6.54
CA LYS B 258 5.18 -21.19 6.24
C LYS B 258 5.13 -21.39 4.74
N CYS B 259 4.27 -20.61 4.06
CA CYS B 259 4.13 -20.77 2.62
C CYS B 259 5.51 -20.70 1.98
N LEU B 260 6.26 -19.65 2.28
CA LEU B 260 7.54 -19.46 1.62
C LEU B 260 8.48 -20.62 1.91
N THR B 261 8.53 -21.06 3.17
CA THR B 261 9.43 -22.18 3.49
C THR B 261 9.02 -23.40 2.70
N TYR B 262 7.72 -23.69 2.62
CA TYR B 262 7.27 -24.86 1.88
C TYR B 262 7.59 -24.73 0.40
N MSE B 263 7.69 -23.51 -0.12
CA MSE B 263 8.09 -23.31 -1.51
C MSE B 263 9.59 -23.50 -1.61
O MSE B 263 10.10 -24.08 -2.56
CB MSE B 263 7.69 -21.93 -2.02
CG MSE B 263 6.19 -21.77 -2.29
SE MSE B 263 5.68 -20.02 -2.99
CE MSE B 263 6.58 -20.11 -4.71
H MSE B 263 7.53 -22.78 0.32
HA MSE B 263 7.62 -23.95 -2.08
HB2 MSE B 263 8.14 -21.76 -2.86
HB3 MSE B 263 7.93 -21.27 -1.37
HG2 MSE B 263 5.71 -21.91 -1.45
HG3 MSE B 263 5.92 -22.44 -2.94
HE1 MSE B 263 5.91 -20.18 -5.41
HE2 MSE B 263 7.15 -20.89 -4.73
HE3 MSE B 263 7.10 -19.31 -4.83
N CYS B 264 10.30 -23.00 -0.59
CA CYS B 264 11.75 -23.14 -0.53
C CYS B 264 12.14 -24.61 -0.45
N ARG B 265 11.38 -25.40 0.30
CA ARG B 265 11.67 -26.82 0.43
C ARG B 265 11.44 -27.55 -0.89
N ALA B 266 10.42 -27.13 -1.64
CA ALA B 266 10.14 -27.75 -2.93
C ALA B 266 11.19 -27.42 -3.98
N GLY B 267 11.92 -26.32 -3.81
CA GLY B 267 12.91 -25.88 -4.77
C GLY B 267 12.50 -24.64 -5.55
N ALA B 268 11.26 -24.18 -5.39
CA ALA B 268 10.80 -23.02 -6.14
C ALA B 268 11.54 -21.76 -5.73
N ILE B 269 11.97 -21.69 -4.46
CA ILE B 269 12.75 -20.57 -3.96
C ILE B 269 14.08 -21.13 -3.47
N ARG B 270 15.16 -20.43 -3.76
CA ARG B 270 16.48 -20.90 -3.38
C ARG B 270 16.74 -20.68 -1.89
N THR B 271 17.53 -21.58 -1.31
CA THR B 271 17.91 -21.43 0.10
C THR B 271 18.77 -20.19 0.31
N ASP B 272 19.49 -19.75 -0.72
CA ASP B 272 20.29 -18.52 -0.64
C ASP B 272 19.54 -17.29 -1.13
N ASP B 273 18.27 -17.42 -1.49
CA ASP B 273 17.50 -16.29 -1.97
C ASP B 273 17.30 -15.27 -0.85
N SER B 274 17.24 -13.99 -1.24
CA SER B 274 17.12 -12.92 -0.26
C SER B 274 15.85 -13.07 0.57
N CYS B 275 14.72 -13.41 -0.05
CA CYS B 275 13.47 -13.52 0.69
C CYS B 275 13.55 -14.58 1.79
N ILE B 276 14.40 -15.60 1.60
CA ILE B 276 14.53 -16.64 2.61
C ILE B 276 15.49 -16.21 3.72
N VAL B 277 16.72 -15.81 3.36
CA VAL B 277 17.74 -15.60 4.37
C VAL B 277 17.56 -14.26 5.09
N LEU B 278 17.07 -13.24 4.39
CA LEU B 278 17.00 -11.90 4.96
C LEU B 278 15.60 -11.52 5.44
N LYS B 279 14.57 -12.30 5.11
CA LYS B 279 13.20 -11.93 5.46
C LYS B 279 12.47 -13.06 6.18
N THR B 280 12.41 -14.24 5.57
CA THR B 280 11.64 -15.34 6.15
C THR B 280 12.27 -15.85 7.45
N LEU B 281 13.54 -16.24 7.39
CA LEU B 281 14.22 -16.77 8.56
C LEU B 281 14.27 -15.77 9.71
N PRO B 282 14.64 -14.51 9.50
CA PRO B 282 14.53 -13.54 10.60
C PRO B 282 13.12 -13.45 11.19
N CYS B 283 12.09 -13.50 10.35
CA CYS B 283 10.73 -13.50 10.86
C CYS B 283 10.51 -14.69 11.79
N LEU B 284 10.94 -15.88 11.37
CA LEU B 284 10.70 -17.07 12.17
C LEU B 284 11.44 -17.03 13.50
N VAL B 285 12.67 -16.47 13.53
CA VAL B 285 13.35 -16.38 14.82
C VAL B 285 12.62 -15.41 15.76
N ARG B 286 12.03 -14.36 15.21
CA ARG B 286 11.24 -13.42 16.01
C ARG B 286 9.96 -14.04 16.55
N MSE B 287 9.53 -15.17 16.00
CA MSE B 287 8.36 -15.88 16.50
C MSE B 287 8.70 -16.69 17.76
O MSE B 287 7.81 -17.15 18.46
CB MSE B 287 7.79 -16.81 15.43
CG MSE B 287 7.42 -16.12 14.12
SE MSE B 287 6.09 -14.71 14.31
CE MSE B 287 4.65 -15.81 15.05
H MSE B 287 9.90 -15.54 15.32
HA MSE B 287 7.68 -15.23 16.72
HB2 MSE B 287 6.98 -17.23 15.78
HB3 MSE B 287 8.45 -17.50 15.23
HG2 MSE B 287 7.06 -16.79 13.52
HG3 MSE B 287 8.22 -15.73 13.75
HE1 MSE B 287 3.85 -15.70 14.50
HE2 MSE B 287 4.46 -15.53 15.95
HE3 MSE B 287 4.92 -16.74 15.03
N CYS B 288 9.99 -16.86 18.02
CA CYS B 288 10.47 -17.63 19.17
C CYS B 288 10.65 -16.76 20.41
N SER B 289 10.22 -15.50 20.39
CA SER B 289 10.47 -14.57 21.47
C SER B 289 9.58 -14.87 22.68
N LYS B 290 10.03 -14.43 23.86
CA LYS B 290 9.26 -14.62 25.08
C LYS B 290 7.88 -14.00 24.96
N GLU B 291 7.79 -12.82 24.34
CA GLU B 291 6.51 -12.13 24.23
C GLU B 291 5.52 -12.87 23.34
N ARG B 292 6.01 -13.75 22.46
CA ARG B 292 5.12 -14.47 21.55
C ARG B 292 4.36 -15.57 22.30
N LEU B 293 3.22 -15.95 21.73
CA LEU B 293 2.37 -16.97 22.31
C LEU B 293 2.99 -18.36 22.18
N LEU B 294 2.53 -19.27 23.05
CA LEU B 294 3.00 -20.65 23.00
C LEU B 294 2.81 -21.23 21.60
N GLU B 295 1.64 -21.02 21.02
CA GLU B 295 1.37 -21.54 19.68
C GLU B 295 2.31 -20.93 18.66
N GLU B 296 2.55 -19.62 18.77
CA GLU B 296 3.46 -18.96 17.84
C GLU B 296 4.90 -19.47 18.01
N ARG B 297 5.32 -19.69 19.26
CA ARG B 297 6.68 -20.17 19.47
C ARG B 297 6.86 -21.58 18.92
N VAL B 298 5.91 -22.48 19.21
CA VAL B 298 6.03 -23.85 18.72
C VAL B 298 5.99 -23.87 17.19
N GLU B 299 5.07 -23.12 16.59
CA GLU B 299 4.94 -23.18 15.13
C GLU B 299 6.14 -22.51 14.46
N GLY B 300 6.60 -21.37 14.98
CA GLY B 300 7.77 -20.74 14.41
C GLY B 300 9.00 -21.61 14.50
N ALA B 301 9.22 -22.25 15.65
CA ALA B 301 10.39 -23.10 15.80
C ALA B 301 10.31 -24.31 14.86
N GLU B 302 9.14 -24.94 14.78
CA GLU B 302 9.02 -26.11 13.90
C GLU B 302 9.15 -25.73 12.44
N THR B 303 8.60 -24.58 12.04
CA THR B 303 8.74 -24.14 10.66
C THR B 303 10.17 -23.78 10.34
N LEU B 304 10.86 -23.10 11.26
CA LEU B 304 12.27 -22.80 11.04
C LEU B 304 13.10 -24.08 10.96
N ALA B 305 12.74 -25.09 11.74
CA ALA B 305 13.43 -26.37 11.64
C ALA B 305 13.22 -27.00 10.27
N TYR B 306 11.99 -26.92 9.74
CA TYR B 306 11.71 -27.43 8.40
C TYR B 306 12.50 -26.67 7.34
N LEU B 307 12.58 -25.34 7.50
CA LEU B 307 13.26 -24.50 6.52
C LEU B 307 14.76 -24.75 6.53
N ILE B 308 15.33 -24.87 7.72
CA ILE B 308 16.78 -24.84 7.93
C ILE B 308 17.45 -26.17 7.69
N GLU B 309 16.69 -27.26 7.67
CA GLU B 309 17.28 -28.59 7.56
C GLU B 309 18.04 -28.82 6.26
N PRO B 310 17.53 -28.43 5.09
CA PRO B 310 18.22 -28.83 3.85
C PRO B 310 19.57 -28.16 3.60
N ASP B 311 19.78 -26.91 4.03
CA ASP B 311 21.01 -26.18 3.72
C ASP B 311 21.76 -25.87 5.01
N VAL B 312 23.06 -26.18 5.01
CA VAL B 312 23.89 -25.93 6.18
C VAL B 312 24.07 -24.43 6.39
N GLU B 313 24.17 -23.67 5.30
CA GLU B 313 24.36 -22.23 5.40
C GLU B 313 23.19 -21.59 6.16
N LEU B 314 21.98 -22.09 5.93
CA LEU B 314 20.83 -21.64 6.69
C LEU B 314 20.98 -21.98 8.17
N GLN B 315 21.48 -23.17 8.49
CA GLN B 315 21.68 -23.56 9.88
C GLN B 315 22.64 -22.61 10.59
N ARG B 316 23.76 -22.29 9.94
CA ARG B 316 24.74 -21.38 10.52
C ARG B 316 24.16 -19.99 10.70
N ILE B 317 23.54 -19.45 9.65
CA ILE B 317 22.93 -18.12 9.74
C ILE B 317 21.92 -18.06 10.88
N ALA B 318 21.06 -19.09 10.99
CA ALA B 318 20.09 -19.11 12.06
C ALA B 318 20.76 -19.18 13.43
N SER B 319 21.84 -19.97 13.54
CA SER B 319 22.51 -20.09 14.83
C SER B 319 23.05 -18.75 15.30
N ILE B 320 23.37 -17.83 14.37
CA ILE B 320 23.91 -16.53 14.76
C ILE B 320 22.89 -15.39 14.64
N THR B 321 21.60 -15.72 14.46
CA THR B 321 20.59 -14.71 14.15
C THR B 321 19.79 -14.35 15.40
N ASP B 322 19.91 -13.08 15.83
CA ASP B 322 19.05 -12.49 16.86
C ASP B 322 18.98 -13.35 18.12
N HIS B 323 20.13 -13.88 18.53
CA HIS B 323 20.23 -14.62 19.80
C HIS B 323 19.22 -15.77 19.84
N LEU B 324 19.11 -16.50 18.73
CA LEU B 324 18.15 -17.60 18.65
C LEU B 324 18.40 -18.65 19.72
N ILE B 325 19.63 -19.14 19.82
CA ILE B 325 19.92 -20.25 20.73
C ILE B 325 19.60 -19.87 22.17
N ALA B 326 19.73 -18.59 22.51
CA ALA B 326 19.33 -18.14 23.85
C ALA B 326 17.82 -18.17 24.00
N MSE B 327 17.11 -17.56 23.05
CA MSE B 327 15.65 -17.55 23.07
C MSE B 327 15.10 -18.97 23.24
O MSE B 327 14.24 -19.22 24.09
CB MSE B 327 15.09 -16.91 21.80
CG MSE B 327 15.23 -15.38 21.73
SE MSE B 327 14.24 -14.54 20.27
CE MSE B 327 15.06 -15.45 18.75
H MSE B 327 17.45 -17.15 22.37
HA MSE B 327 15.35 -17.01 23.82
HB2 MSE B 327 14.15 -17.12 21.73
HB3 MSE B 327 15.57 -17.28 21.03
HG2 MSE B 327 16.17 -15.16 21.62
HG3 MSE B 327 14.90 -15.02 22.57
HE1 MSE B 327 14.75 -15.04 17.93
HE2 MSE B 327 14.82 -16.39 18.77
HE3 MSE B 327 16.03 -15.36 18.81
N LEU B 328 15.64 -19.91 22.45
CA LEU B 328 15.17 -21.29 22.50
C LEU B 328 15.34 -21.89 23.89
N ALA B 329 16.44 -21.57 24.58
CA ALA B 329 16.62 -22.13 25.92
C ALA B 329 15.49 -21.71 26.84
N ASP B 330 14.97 -20.49 26.66
CA ASP B 330 13.88 -20.01 27.51
C ASP B 330 12.58 -20.76 27.24
N TYR B 331 12.54 -21.64 26.25
CA TYR B 331 11.40 -22.53 26.09
C TYR B 331 11.25 -23.44 27.30
N PHE B 332 12.34 -23.71 28.02
CA PHE B 332 12.29 -24.64 29.14
C PHE B 332 11.86 -24.00 30.45
N LYS B 333 11.62 -22.69 30.47
CA LYS B 333 11.12 -22.01 31.65
C LYS B 333 9.63 -21.79 31.48
N TYR B 334 8.86 -22.00 32.56
CA TYR B 334 7.42 -21.86 32.47
C TYR B 334 7.08 -20.36 32.44
N PRO B 335 7.64 -19.56 33.36
CA PRO B 335 7.37 -18.12 33.36
C PRO B 335 8.37 -17.35 32.51
N SER B 336 7.85 -16.41 31.72
CA SER B 336 8.69 -15.59 30.85
C SER B 336 8.16 -14.16 30.77
N ASP B 348 0.67 -17.64 32.46
CA ASP B 348 0.58 -19.02 32.91
C ASP B 348 -0.72 -19.67 32.45
N HIS B 349 -1.37 -19.05 31.46
CA HIS B 349 -2.64 -19.57 30.99
C HIS B 349 -2.48 -20.97 30.42
N ASP B 350 -1.33 -21.26 29.82
CA ASP B 350 -1.03 -22.57 29.25
C ASP B 350 0.32 -23.07 29.79
N LEU B 351 0.38 -23.25 31.12
CA LEU B 351 1.55 -23.85 31.74
C LEU B 351 1.59 -25.35 31.47
N LYS B 352 0.43 -25.95 31.23
CA LYS B 352 0.35 -27.36 30.90
C LYS B 352 0.99 -27.65 29.55
N HIS B 353 0.92 -26.70 28.62
CA HIS B 353 1.46 -26.91 27.28
C HIS B 353 2.92 -26.50 27.17
N ALA B 354 3.58 -26.23 28.30
CA ALA B 354 5.01 -25.92 28.24
C ALA B 354 5.77 -27.12 27.70
N HIS B 355 5.29 -28.32 27.98
CA HIS B 355 5.89 -29.52 27.42
C HIS B 355 5.83 -29.49 25.90
N GLU B 356 4.71 -29.01 25.35
CA GLU B 356 4.61 -28.88 23.90
C GLU B 356 5.70 -27.96 23.37
N LEU B 357 6.05 -26.94 24.15
CA LEU B 357 7.14 -26.04 23.77
C LEU B 357 8.46 -26.79 23.76
N ARG B 358 8.71 -27.61 24.79
CA ARG B 358 9.99 -28.31 24.88
C ARG B 358 10.22 -29.16 23.63
N GLN B 359 9.21 -29.94 23.23
CA GLN B 359 9.37 -30.77 22.05
C GLN B 359 9.72 -29.92 20.84
N ALA B 360 9.07 -28.77 20.70
CA ALA B 360 9.37 -27.90 19.57
C ALA B 360 10.84 -27.51 19.56
N ALA B 361 11.35 -27.10 20.74
CA ALA B 361 12.76 -26.73 20.80
C ALA B 361 13.64 -27.90 20.40
N PHE B 362 13.29 -29.11 20.86
CA PHE B 362 14.14 -30.26 20.55
C PHE B 362 14.16 -30.52 19.05
N LYS B 363 13.06 -30.21 18.35
CA LYS B 363 13.04 -30.34 16.90
C LYS B 363 14.02 -29.35 16.27
N LEU B 364 13.97 -28.09 16.71
CA LEU B 364 14.82 -27.08 16.07
C LEU B 364 16.30 -27.34 16.36
N TYR B 365 16.61 -27.76 17.59
CA TYR B 365 17.99 -28.13 17.89
C TYR B 365 18.46 -29.18 16.89
N ALA B 366 17.62 -30.17 16.61
CA ALA B 366 18.03 -31.24 15.70
C ALA B 366 18.39 -30.68 14.33
N SER B 367 17.63 -29.68 13.85
CA SER B 367 17.97 -29.08 12.57
C SER B 367 19.23 -28.23 12.68
N LEU B 368 19.34 -27.45 13.76
CA LEU B 368 20.50 -26.57 13.90
C LEU B 368 21.78 -27.38 14.00
N GLY B 369 21.73 -28.52 14.69
CA GLY B 369 22.92 -29.32 14.94
C GLY B 369 23.07 -30.49 14.01
N ALA B 370 22.44 -30.43 12.84
CA ALA B 370 22.48 -31.55 11.91
C ALA B 370 23.89 -31.76 11.35
N ASN B 371 24.57 -30.68 10.96
CA ASN B 371 25.81 -30.77 10.21
C ASN B 371 27.01 -30.11 10.86
N ASP B 372 26.82 -29.17 11.78
CA ASP B 372 27.92 -28.37 12.33
C ASP B 372 28.07 -28.69 13.81
N GLU B 373 29.23 -29.22 14.18
CA GLU B 373 29.48 -29.60 15.57
C GLU B 373 29.51 -28.39 16.49
N ASP B 374 29.98 -27.24 15.98
CA ASP B 374 30.08 -26.04 16.81
C ASP B 374 28.69 -25.56 17.24
N ILE B 375 27.70 -25.71 16.37
CA ILE B 375 26.33 -25.34 16.73
C ILE B 375 25.78 -26.30 17.78
N ARG B 376 26.09 -27.59 17.66
CA ARG B 376 25.64 -28.54 18.67
C ARG B 376 26.24 -28.21 20.03
N LYS B 377 27.53 -27.87 20.05
CA LYS B 377 28.19 -27.47 21.29
C LYS B 377 27.58 -26.19 21.85
N LYS B 378 27.29 -25.22 20.97
CA LYS B 378 26.66 -23.99 21.43
C LYS B 378 25.35 -24.28 22.13
N ILE B 379 24.54 -25.17 21.56
CA ILE B 379 23.26 -25.50 22.19
C ILE B 379 23.49 -26.16 23.54
N ILE B 380 24.43 -27.10 23.61
CA ILE B 380 24.71 -27.76 24.88
C ILE B 380 25.09 -26.72 25.92
N VAL B 381 25.89 -25.72 25.52
CA VAL B 381 26.32 -24.69 26.46
C VAL B 381 25.13 -23.86 26.93
N SER B 382 24.17 -23.60 26.04
CA SER B 382 23.01 -22.79 26.43
C SER B 382 22.16 -23.51 27.46
N LEU B 383 22.09 -24.84 27.40
CA LEU B 383 21.22 -25.60 28.28
C LEU B 383 21.74 -25.60 29.71
N GLY B 384 20.85 -25.33 30.66
CA GLY B 384 21.20 -25.34 32.07
C GLY B 384 21.90 -24.10 32.60
N GLU B 385 22.29 -23.16 31.74
CA GLU B 385 23.03 -21.98 32.18
C GLU B 385 22.21 -20.71 31.98
N VAL C 13 30.74 25.53 -17.11
CA VAL C 13 30.16 26.44 -16.14
C VAL C 13 31.14 26.61 -14.97
N LEU C 14 31.66 25.49 -14.47
CA LEU C 14 32.70 25.49 -13.44
C LEU C 14 32.24 26.23 -12.18
N SER C 15 30.95 26.20 -11.89
CA SER C 15 30.46 26.75 -10.64
C SER C 15 30.96 25.92 -9.47
N GLU C 16 30.87 26.47 -8.27
CA GLU C 16 31.38 25.79 -7.10
C GLU C 16 30.30 24.86 -6.53
N VAL C 17 30.74 23.76 -5.92
CA VAL C 17 29.85 22.78 -5.33
C VAL C 17 29.77 23.02 -3.83
N THR C 18 28.54 23.03 -3.31
CA THR C 18 28.25 23.35 -1.92
C THR C 18 27.99 22.06 -1.13
N ALA C 19 28.02 22.22 0.21
CA ALA C 19 27.90 21.07 1.10
C ALA C 19 26.57 20.34 0.97
N SER C 20 25.49 21.05 0.62
CA SER C 20 24.19 20.39 0.49
C SER C 20 24.24 19.27 -0.54
N SER C 21 24.79 19.56 -1.72
CA SER C 21 24.91 18.57 -2.77
C SER C 21 25.73 17.38 -2.30
N ARG C 22 26.85 17.66 -1.61
CA ARG C 22 27.67 16.58 -1.09
C ARG C 22 26.93 15.73 -0.06
N HIS C 23 26.11 16.35 0.78
CA HIS C 23 25.41 15.62 1.84
C HIS C 23 24.41 14.63 1.26
N TYR C 24 23.72 15.01 0.18
CA TYR C 24 22.81 14.05 -0.45
C TYR C 24 23.54 12.77 -0.85
N VAL C 25 24.70 12.90 -1.49
CA VAL C 25 25.47 11.73 -1.93
C VAL C 25 26.06 10.98 -0.72
N ASP C 26 26.49 11.74 0.29
CA ASP C 26 27.12 11.12 1.45
C ASP C 26 26.15 10.19 2.18
N ARG C 27 24.90 10.63 2.35
CA ARG C 27 23.95 9.75 3.05
C ARG C 27 23.72 8.46 2.27
N LEU C 28 23.88 8.48 0.94
CA LEU C 28 23.88 7.23 0.19
C LEU C 28 25.10 6.38 0.50
N PHE C 29 26.26 7.00 0.69
CA PHE C 29 27.43 6.15 0.99
C PHE C 29 27.50 5.72 2.44
N ASP C 30 26.61 6.19 3.31
CA ASP C 30 26.58 5.71 4.69
C ASP C 30 26.01 4.29 4.73
N PRO C 31 26.50 3.42 5.63
CA PRO C 31 26.10 2.01 5.57
C PRO C 31 24.72 1.67 6.11
N ASP C 32 24.10 2.50 6.96
CA ASP C 32 22.87 2.12 7.63
C ASP C 32 21.71 2.00 6.63
N PRO C 33 20.98 0.88 6.61
CA PRO C 33 19.98 0.69 5.54
C PRO C 33 18.90 1.76 5.49
N GLN C 34 18.29 2.07 6.62
CA GLN C 34 17.26 3.10 6.66
C GLN C 34 17.84 4.44 6.23
N LYS C 35 19.10 4.71 6.61
CA LYS C 35 19.72 5.97 6.22
C LYS C 35 19.92 6.05 4.72
N VAL C 36 20.32 4.94 4.09
CA VAL C 36 20.47 4.93 2.64
C VAL C 36 19.13 5.24 1.98
N LEU C 37 18.06 4.59 2.47
CA LEU C 37 16.73 4.83 1.88
C LEU C 37 16.30 6.29 2.07
N GLN C 38 16.48 6.83 3.26
CA GLN C 38 16.10 8.22 3.53
C GLN C 38 16.93 9.18 2.69
N GLY C 39 18.20 8.87 2.47
CA GLY C 39 19.04 9.72 1.63
C GLY C 39 18.59 9.72 0.19
N VAL C 40 18.26 8.54 -0.34
CA VAL C 40 17.79 8.50 -1.73
C VAL C 40 16.43 9.17 -1.87
N ILE C 41 15.56 9.07 -0.86
CA ILE C 41 14.28 9.77 -0.90
C ILE C 41 14.51 11.27 -0.95
N ASP C 42 15.36 11.79 -0.05
CA ASP C 42 15.64 13.23 -0.06
C ASP C 42 16.25 13.65 -1.38
N MSE C 43 17.11 12.82 -1.96
CA MSE C 43 17.69 13.13 -3.26
C MSE C 43 16.59 13.23 -4.31
O MSE C 43 16.58 14.15 -5.13
CB MSE C 43 18.70 12.06 -3.67
CG MSE C 43 19.27 12.27 -5.05
SE MSE C 43 21.05 11.53 -5.20
CE MSE C 43 20.62 9.67 -4.83
H MSE C 43 17.38 12.08 -1.63
HA MSE C 43 18.16 13.97 -3.21
HB2 MSE C 43 18.26 11.19 -3.66
HB3 MSE C 43 19.43 12.07 -3.04
HG2 MSE C 43 19.32 13.22 -5.23
HG3 MSE C 43 18.70 11.84 -5.71
HE1 MSE C 43 21.31 9.11 -5.20
HE2 MSE C 43 19.76 9.46 -5.23
HE3 MSE C 43 20.57 9.55 -3.87
N LYS C 44 15.67 12.27 -4.28
CA LYS C 44 14.53 12.29 -5.20
C LYS C 44 13.77 13.61 -5.09
N ASN C 45 13.51 14.07 -3.85
CA ASN C 45 12.75 15.31 -3.70
C ASN C 45 13.58 16.54 -4.06
N ALA C 46 14.90 16.42 -4.09
CA ALA C 46 15.75 17.55 -4.40
C ALA C 46 15.95 17.75 -5.90
N VAL C 47 15.75 16.70 -6.71
CA VAL C 47 15.99 16.77 -8.14
C VAL C 47 14.69 16.89 -8.93
N ILE C 48 13.58 17.24 -8.27
CA ILE C 48 12.29 17.26 -8.96
C ILE C 48 12.33 18.19 -10.15
N GLY C 49 12.73 19.44 -9.93
CA GLY C 49 12.73 20.45 -10.98
C GLY C 49 14.11 21.02 -11.23
N ASN C 50 15.00 20.87 -10.26
CA ASN C 50 16.32 21.51 -10.29
C ASN C 50 17.26 20.63 -11.10
N ASN C 51 17.53 21.06 -12.34
CA ASN C 51 18.53 20.37 -13.16
C ASN C 51 19.94 20.65 -12.65
N LYS C 52 20.15 21.78 -11.98
CA LYS C 52 21.45 22.06 -11.39
C LYS C 52 21.81 21.02 -10.33
N GLN C 53 20.83 20.64 -9.50
CA GLN C 53 21.07 19.58 -8.51
C GLN C 53 21.34 18.25 -9.19
N LYS C 54 20.65 17.96 -10.29
CA LYS C 54 20.95 16.75 -11.06
C LYS C 54 22.40 16.73 -11.49
N ALA C 55 22.88 17.82 -12.11
CA ALA C 55 24.25 17.85 -12.58
C ALA C 55 25.24 17.77 -11.42
N ASN C 56 24.97 18.47 -10.33
CA ASN C 56 25.87 18.43 -9.19
C ASN C 56 25.95 17.02 -8.60
N LEU C 57 24.82 16.31 -8.54
CA LEU C 57 24.82 14.98 -7.96
C LEU C 57 25.43 13.94 -8.90
N ILE C 58 25.31 14.11 -10.22
CA ILE C 58 25.96 13.17 -11.12
C ILE C 58 27.47 13.40 -11.12
N VAL C 59 27.91 14.66 -11.08
CA VAL C 59 29.35 14.93 -11.08
C VAL C 59 29.98 14.48 -9.76
N LEU C 60 29.24 14.60 -8.64
CA LEU C 60 29.72 14.04 -7.39
C LEU C 60 29.65 12.52 -7.38
N GLY C 61 29.10 11.90 -8.41
CA GLY C 61 29.11 10.46 -8.51
C GLY C 61 27.93 9.76 -7.89
N ALA C 62 26.75 10.38 -7.93
CA ALA C 62 25.58 9.71 -7.37
C ALA C 62 25.10 8.58 -8.27
N VAL C 63 25.26 8.71 -9.59
CA VAL C 63 24.71 7.74 -10.52
C VAL C 63 25.39 6.37 -10.37
N PRO C 64 26.72 6.28 -10.30
CA PRO C 64 27.34 4.96 -10.06
C PRO C 64 26.86 4.30 -8.77
N ARG C 65 26.76 5.06 -7.68
CA ARG C 65 26.31 4.50 -6.41
C ARG C 65 24.86 4.04 -6.50
N LEU C 66 24.01 4.84 -7.15
CA LEU C 66 22.61 4.45 -7.33
C LEU C 66 22.50 3.16 -8.12
N LEU C 67 23.29 3.04 -9.20
CA LEU C 67 23.26 1.82 -9.99
C LEU C 67 23.74 0.62 -9.17
N TYR C 68 24.77 0.82 -8.36
CA TYR C 68 25.22 -0.29 -7.51
C TYR C 68 24.16 -0.68 -6.50
N LEU C 69 23.49 0.31 -5.89
CA LEU C 69 22.45 0.02 -4.91
C LEU C 69 21.23 -0.64 -5.55
N LEU C 70 20.98 -0.36 -6.84
CA LEU C 70 19.89 -1.04 -7.52
C LEU C 70 20.30 -2.42 -8.01
N GLN C 71 21.60 -2.70 -8.08
CA GLN C 71 22.09 -4.03 -8.45
C GLN C 71 22.22 -4.92 -7.22
N GLN C 72 22.63 -4.35 -6.08
CA GLN C 72 22.96 -5.13 -4.90
C GLN C 72 21.76 -5.94 -4.42
N GLU C 73 22.01 -7.21 -4.10
CA GLU C 73 20.93 -8.11 -3.71
C GLU C 73 20.39 -7.79 -2.32
N THR C 74 21.27 -7.37 -1.41
CA THR C 74 20.83 -7.06 -0.04
C THR C 74 19.91 -5.85 0.00
N SER C 75 20.01 -4.95 -0.98
CA SER C 75 19.15 -3.78 -1.01
C SER C 75 17.69 -4.21 -1.07
N SER C 76 16.87 -3.59 -0.23
CA SER C 76 15.44 -3.90 -0.18
C SER C 76 14.76 -3.46 -1.47
N THR C 77 13.59 -4.05 -1.73
CA THR C 77 12.83 -3.69 -2.93
C THR C 77 12.41 -2.23 -2.89
N GLU C 78 12.15 -1.67 -1.71
CA GLU C 78 11.86 -0.25 -1.59
C GLU C 78 13.05 0.60 -2.03
N LEU C 79 14.24 0.26 -1.53
CA LEU C 79 15.43 1.02 -1.89
C LEU C 79 15.73 0.87 -3.39
N LYS C 80 15.57 -0.33 -3.93
CA LYS C 80 15.79 -0.54 -5.36
C LYS C 80 14.81 0.31 -6.17
N THR C 81 13.55 0.33 -5.75
CA THR C 81 12.55 1.13 -6.45
C THR C 81 12.90 2.61 -6.39
N GLU C 82 13.30 3.10 -5.21
CA GLU C 82 13.62 4.53 -5.07
C GLU C 82 14.85 4.91 -5.88
N CYS C 83 15.84 4.00 -5.96
CA CYS C 83 17.00 4.26 -6.80
C CYS C 83 16.61 4.35 -8.26
N ALA C 84 15.74 3.45 -8.71
CA ALA C 84 15.26 3.55 -10.09
C ALA C 84 14.49 4.84 -10.32
N VAL C 85 13.71 5.28 -9.33
CA VAL C 85 12.97 6.53 -9.44
C VAL C 85 13.93 7.70 -9.63
N VAL C 86 14.96 7.78 -8.80
CA VAL C 86 15.91 8.88 -8.92
C VAL C 86 16.62 8.82 -10.27
N LEU C 87 17.03 7.63 -10.70
CA LEU C 87 17.71 7.51 -11.99
C LEU C 87 16.80 7.96 -13.13
N GLY C 88 15.49 7.69 -13.02
CA GLY C 88 14.57 8.18 -14.03
C GLY C 88 14.44 9.69 -13.98
N SER C 89 14.40 10.27 -12.77
CA SER C 89 14.31 11.72 -12.66
C SER C 89 15.56 12.40 -13.18
N LEU C 90 16.72 11.77 -13.01
CA LEU C 90 17.97 12.31 -13.56
C LEU C 90 17.96 12.28 -15.07
N ALA C 91 17.38 11.23 -15.66
CA ALA C 91 17.30 11.14 -17.11
C ALA C 91 16.31 12.16 -17.69
N MSE C 92 15.34 12.58 -16.89
CA MSE C 92 14.37 13.58 -17.32
C MSE C 92 15.00 14.96 -17.48
O MSE C 92 14.36 15.89 -17.97
CB MSE C 92 13.22 13.67 -16.32
CG MSE C 92 12.22 12.52 -16.40
SE MSE C 92 10.84 12.86 -17.74
CE MSE C 92 9.53 11.52 -17.15
H MSE C 92 15.22 12.30 -16.08
HA MSE C 92 14.01 13.30 -18.18
HB2 MSE C 92 12.72 14.49 -16.48
HB3 MSE C 92 13.58 13.66 -15.42
HG2 MSE C 92 11.78 12.42 -15.54
HG3 MSE C 92 12.68 11.71 -16.64
HE1 MSE C 92 8.77 11.53 -17.75
HE2 MSE C 92 9.95 10.65 -17.14
HE3 MSE C 92 9.22 11.75 -16.25
N GLY C 93 16.26 15.08 -17.04
CA GLY C 93 16.97 16.34 -17.13
C GLY C 93 17.60 16.59 -18.50
N THR C 94 18.79 17.19 -18.51
CA THR C 94 19.41 17.56 -19.78
C THR C 94 19.83 16.31 -20.54
N GLU C 95 20.14 16.49 -21.82
CA GLU C 95 20.67 15.38 -22.61
C GLU C 95 22.07 15.00 -22.14
N ASN C 96 22.87 15.95 -21.68
CA ASN C 96 24.19 15.61 -21.14
C ASN C 96 24.06 14.65 -19.95
N ASN C 97 23.05 14.86 -19.11
CA ASN C 97 22.82 13.93 -18.00
C ASN C 97 22.42 12.55 -18.50
N VAL C 98 21.62 12.49 -19.57
CA VAL C 98 21.27 11.20 -20.17
C VAL C 98 22.53 10.52 -20.67
N LYS C 99 23.44 11.30 -21.26
CA LYS C 99 24.72 10.78 -21.71
C LYS C 99 25.53 10.23 -20.54
N SER C 100 25.55 10.96 -19.42
CA SER C 100 26.28 10.49 -18.25
C SER C 100 25.71 9.18 -17.73
N LEU C 101 24.38 9.06 -17.71
CA LEU C 101 23.74 7.83 -17.27
C LEU C 101 24.09 6.68 -18.21
N LEU C 102 24.12 6.94 -19.52
CA LEU C 102 24.53 5.90 -20.47
C LEU C 102 25.98 5.51 -20.26
N ASP C 103 26.86 6.48 -20.01
CA ASP C 103 28.27 6.18 -19.80
C ASP C 103 28.50 5.32 -18.57
N CYS C 104 27.58 5.35 -17.61
CA CYS C 104 27.63 4.49 -16.44
C CYS C 104 26.91 3.16 -16.66
N HIS C 105 26.51 2.86 -17.90
CA HIS C 105 25.88 1.59 -18.24
C HIS C 105 24.53 1.44 -17.52
N ILE C 106 23.66 2.43 -17.71
CA ILE C 106 22.36 2.40 -17.07
C ILE C 106 21.45 1.39 -17.75
N ILE C 107 21.54 1.28 -19.07
CA ILE C 107 20.64 0.38 -19.80
C ILE C 107 20.85 -1.06 -19.35
N PRO C 108 22.08 -1.59 -19.28
CA PRO C 108 22.26 -2.94 -18.73
C PRO C 108 21.72 -3.11 -17.32
N ALA C 109 21.94 -2.14 -16.44
CA ALA C 109 21.51 -2.28 -15.05
C ALA C 109 19.99 -2.30 -14.92
N LEU C 110 19.30 -1.42 -15.61
CA LEU C 110 17.83 -1.45 -15.58
C LEU C 110 17.29 -2.73 -16.18
N LEU C 111 17.90 -3.20 -17.28
CA LEU C 111 17.44 -4.45 -17.88
C LEU C 111 17.64 -5.61 -16.91
N GLN C 112 18.73 -5.60 -16.14
CA GLN C 112 18.93 -6.60 -15.11
C GLN C 112 17.91 -6.47 -14.00
N GLY C 113 17.50 -5.23 -13.68
CA GLY C 113 16.49 -5.02 -12.66
C GLY C 113 15.12 -5.55 -13.05
N LEU C 114 14.84 -5.59 -14.35
CA LEU C 114 13.56 -6.11 -14.83
C LEU C 114 13.37 -7.59 -14.49
N LEU C 115 14.39 -8.28 -14.00
CA LEU C 115 14.25 -9.68 -13.60
C LEU C 115 13.65 -9.85 -12.22
N SER C 116 13.28 -8.74 -11.56
CA SER C 116 12.72 -8.76 -10.21
C SER C 116 11.24 -9.16 -10.24
N PRO C 117 10.75 -9.83 -9.19
CA PRO C 117 9.31 -10.09 -9.12
C PRO C 117 8.46 -8.86 -8.87
N ASP C 118 8.98 -7.86 -8.15
CA ASP C 118 8.17 -6.74 -7.69
C ASP C 118 7.69 -5.90 -8.87
N LEU C 119 6.40 -5.57 -8.87
CA LEU C 119 5.82 -4.78 -9.96
C LEU C 119 6.22 -3.31 -9.86
N LYS C 120 6.24 -2.74 -8.66
CA LYS C 120 6.64 -1.35 -8.52
C LYS C 120 8.04 -1.11 -9.08
N PHE C 121 8.97 -2.02 -8.75
CA PHE C 121 10.34 -1.89 -9.21
C PHE C 121 10.44 -2.09 -10.72
N ILE C 122 9.70 -3.05 -11.25
CA ILE C 122 9.70 -3.27 -12.69
C ILE C 122 9.19 -2.03 -13.41
N GLU C 123 8.11 -1.45 -12.90
CA GLU C 123 7.54 -0.25 -13.51
C GLU C 123 8.52 0.92 -13.44
N ALA C 124 9.21 1.07 -12.31
CA ALA C 124 10.18 2.16 -12.20
C ALA C 124 11.31 1.99 -13.22
N CYS C 125 11.82 0.77 -13.35
CA CYS C 125 12.86 0.51 -14.34
C CYS C 125 12.36 0.75 -15.76
N LEU C 126 11.12 0.32 -16.06
CA LEU C 126 10.58 0.52 -17.40
C LEU C 126 10.35 1.99 -17.68
N ARG C 127 9.92 2.75 -16.68
CA ARG C 127 9.75 4.19 -16.85
C ARG C 127 11.09 4.86 -17.18
N CYS C 128 12.14 4.50 -16.44
CA CYS C 128 13.45 5.07 -16.72
C CYS C 128 13.93 4.69 -18.11
N LEU C 129 13.80 3.40 -18.47
CA LEU C 129 14.20 2.96 -19.80
C LEU C 129 13.41 3.67 -20.88
N ARG C 130 12.13 3.93 -20.64
CA ARG C 130 11.34 4.66 -21.60
C ARG C 130 11.92 6.03 -21.83
N THR C 131 12.19 6.77 -20.75
CA THR C 131 12.75 8.11 -20.91
C THR C 131 14.09 8.07 -21.64
N ILE C 132 14.93 7.08 -21.33
CA ILE C 132 16.26 7.02 -21.95
C ILE C 132 16.12 6.70 -23.44
N PHE C 133 15.41 5.62 -23.78
CA PHE C 133 15.33 5.19 -25.18
C PHE C 133 14.55 6.18 -26.04
N THR C 134 13.65 6.95 -25.43
CA THR C 134 12.99 8.02 -26.18
C THR C 134 13.96 9.17 -26.44
N SER C 135 14.93 9.36 -25.57
CA SER C 135 15.85 10.49 -25.71
C SER C 135 16.67 10.33 -26.99
N PRO C 136 16.99 11.44 -27.67
CA PRO C 136 17.74 11.30 -28.93
C PRO C 136 19.14 10.75 -28.76
N VAL C 137 19.84 11.10 -27.67
CA VAL C 137 21.22 10.67 -27.49
C VAL C 137 21.33 9.16 -27.39
N THR C 138 20.23 8.45 -27.10
CA THR C 138 20.29 7.01 -26.89
C THR C 138 20.17 6.30 -28.22
N PRO C 139 21.16 5.49 -28.62
CA PRO C 139 21.00 4.68 -29.84
C PRO C 139 19.99 3.56 -29.63
N GLU C 140 19.15 3.32 -30.64
CA GLU C 140 18.17 2.26 -30.56
C GLU C 140 18.84 0.90 -30.49
N GLU C 141 20.05 0.80 -31.04
CA GLU C 141 20.73 -0.50 -31.10
C GLU C 141 20.91 -1.09 -29.71
N LEU C 142 20.99 -0.26 -28.67
CA LEU C 142 21.14 -0.78 -27.31
C LEU C 142 20.04 -1.76 -26.94
N LEU C 143 18.83 -1.54 -27.44
CA LEU C 143 17.74 -2.46 -27.13
C LEU C 143 18.01 -3.85 -27.70
N TYR C 144 18.61 -3.90 -28.90
CA TYR C 144 18.79 -5.15 -29.62
C TYR C 144 20.17 -5.79 -29.44
N THR C 145 21.13 -5.07 -28.86
CA THR C 145 22.48 -5.63 -28.74
C THR C 145 22.48 -6.91 -27.89
N ASP C 146 21.71 -6.92 -26.80
CA ASP C 146 21.55 -8.11 -25.98
C ASP C 146 20.27 -8.82 -26.41
N ALA C 147 20.41 -10.06 -26.90
CA ALA C 147 19.29 -10.74 -27.52
C ALA C 147 18.18 -11.07 -26.52
N THR C 148 18.51 -11.18 -25.24
CA THR C 148 17.52 -11.56 -24.23
C THR C 148 16.57 -10.42 -23.89
N VAL C 149 16.90 -9.19 -24.26
CA VAL C 149 16.16 -8.02 -23.80
C VAL C 149 14.73 -8.03 -24.35
N ILE C 150 14.57 -8.26 -25.65
CA ILE C 150 13.23 -8.18 -26.25
C ILE C 150 12.34 -9.31 -25.74
N PRO C 151 12.81 -10.56 -25.66
CA PRO C 151 11.97 -11.58 -25.01
C PRO C 151 11.57 -11.17 -23.60
N HIS C 152 12.52 -10.66 -22.78
CA HIS C 152 12.15 -10.24 -21.44
C HIS C 152 11.09 -9.16 -21.45
N LEU C 153 11.23 -8.16 -22.34
CA LEU C 153 10.25 -7.09 -22.43
C LEU C 153 8.89 -7.63 -22.85
N MSE C 154 8.86 -8.50 -23.85
CA MSE C 154 7.61 -9.07 -24.33
C MSE C 154 6.92 -9.85 -23.23
O MSE C 154 5.68 -9.89 -23.16
CB MSE C 154 7.85 -9.97 -25.54
CG MSE C 154 8.28 -9.23 -26.80
SE MSE C 154 6.79 -8.39 -27.76
CE MSE C 154 7.77 -7.58 -29.22
H MSE C 154 9.56 -8.78 -24.27
HA MSE C 154 7.03 -8.34 -24.62
HB2 MSE C 154 7.03 -10.44 -25.74
HB3 MSE C 154 8.55 -10.60 -25.32
HG2 MSE C 154 8.71 -9.86 -27.41
HG3 MSE C 154 8.90 -8.52 -26.57
HE1 MSE C 154 7.15 -7.09 -29.79
HE2 MSE C 154 8.20 -8.29 -29.74
HE3 MSE C 154 8.45 -6.98 -28.86
N ALA C 155 7.71 -10.51 -22.37
CA ALA C 155 7.13 -11.27 -21.27
C ALA C 155 6.45 -10.36 -20.26
N LEU C 156 7.06 -9.21 -19.95
CA LEU C 156 6.51 -8.25 -19.01
C LEU C 156 5.40 -7.40 -19.60
N LEU C 157 5.13 -7.53 -20.89
CA LEU C 157 4.26 -6.59 -21.59
C LEU C 157 2.88 -6.49 -20.93
N SER C 158 2.36 -7.60 -20.43
CA SER C 158 0.98 -7.66 -19.98
C SER C 158 0.88 -7.97 -18.48
N ARG C 159 1.71 -7.31 -17.67
CA ARG C 159 1.58 -7.42 -16.22
C ARG C 159 0.74 -6.30 -15.64
N SER C 160 0.88 -5.08 -16.18
CA SER C 160 0.09 -3.94 -15.73
C SER C 160 -0.07 -2.98 -16.90
N ARG C 161 -0.97 -2.02 -16.71
CA ARG C 161 -1.18 -0.99 -17.74
C ARG C 161 0.07 -0.14 -17.92
N TYR C 162 0.86 0.03 -16.87
CA TYR C 162 2.08 0.83 -16.96
C TYR C 162 3.17 0.09 -17.73
N THR C 163 3.30 -1.23 -17.53
CA THR C 163 4.26 -2.00 -18.31
C THR C 163 3.87 -1.99 -19.79
N GLN C 164 2.58 -2.14 -20.09
CA GLN C 164 2.10 -2.08 -21.46
C GLN C 164 2.49 -0.74 -22.10
N GLU C 165 2.16 0.37 -21.42
CA GLU C 165 2.43 1.69 -21.98
C GLU C 165 3.92 1.90 -22.22
N TYR C 166 4.75 1.62 -21.21
CA TYR C 166 6.17 1.91 -21.31
C TYR C 166 6.84 1.05 -22.37
N ILE C 167 6.57 -0.25 -22.36
CA ILE C 167 7.24 -1.15 -23.30
C ILE C 167 6.81 -0.82 -24.73
N CYS C 168 5.55 -0.42 -24.92
CA CYS C 168 5.13 0.00 -26.25
C CYS C 168 5.89 1.24 -26.69
N GLN C 169 6.06 2.22 -25.78
CA GLN C 169 6.82 3.42 -26.17
C GLN C 169 8.25 3.05 -26.56
N ILE C 170 8.88 2.18 -25.78
CA ILE C 170 10.26 1.78 -26.07
C ILE C 170 10.34 1.15 -27.46
N PHE C 171 9.44 0.22 -27.75
CA PHE C 171 9.45 -0.42 -29.06
C PHE C 171 9.21 0.60 -30.17
N SER C 172 8.22 1.48 -30.00
CA SER C 172 7.88 2.42 -31.06
C SER C 172 9.07 3.32 -31.38
N HIS C 173 9.82 3.74 -30.37
CA HIS C 173 10.96 4.60 -30.63
C HIS C 173 12.19 3.83 -31.10
N CYS C 174 12.29 2.52 -30.81
CA CYS C 174 13.47 1.76 -31.18
C CYS C 174 13.25 0.88 -32.40
N CYS C 175 12.12 1.00 -33.07
CA CYS C 175 11.88 0.34 -34.35
C CYS C 175 12.16 1.35 -35.46
N LYS C 176 13.19 1.10 -36.27
CA LYS C 176 13.43 1.98 -37.41
C LYS C 176 13.75 1.21 -38.68
N GLY C 177 14.88 0.52 -38.74
CA GLY C 177 15.26 -0.18 -39.94
C GLY C 177 14.52 -1.48 -40.12
N PRO C 178 14.68 -2.08 -41.30
CA PRO C 178 13.99 -3.34 -41.59
C PRO C 178 14.31 -4.44 -40.59
N ASP C 179 15.61 -4.56 -40.26
CA ASP C 179 16.06 -5.63 -39.38
C ASP C 179 15.41 -5.53 -38.00
N HIS C 180 15.33 -4.32 -37.44
CA HIS C 180 14.70 -4.16 -36.15
C HIS C 180 13.19 -4.32 -36.21
N GLN C 181 12.58 -4.16 -37.39
CA GLN C 181 11.18 -4.55 -37.57
C GLN C 181 11.04 -6.07 -37.54
N THR C 182 11.96 -6.77 -38.21
CA THR C 182 11.89 -8.22 -38.27
C THR C 182 12.16 -8.87 -36.92
N ILE C 183 13.04 -8.28 -36.12
CA ILE C 183 13.31 -8.85 -34.80
C ILE C 183 12.08 -8.79 -33.91
N LEU C 184 11.41 -7.63 -33.85
CA LEU C 184 10.18 -7.54 -33.06
C LEU C 184 9.09 -8.44 -33.64
N PHE C 185 8.98 -8.50 -34.96
CA PHE C 185 7.94 -9.33 -35.56
C PHE C 185 8.15 -10.79 -35.24
N ASN C 186 9.41 -11.26 -35.34
CA ASN C 186 9.71 -12.67 -35.07
C ASN C 186 9.47 -13.03 -33.62
N HIS C 187 9.60 -12.06 -32.71
CA HIS C 187 9.35 -12.29 -31.29
C HIS C 187 7.88 -12.12 -30.92
N GLY C 188 6.98 -12.01 -31.91
CA GLY C 188 5.56 -12.01 -31.65
C GLY C 188 5.00 -10.65 -31.29
N ALA C 189 5.54 -9.60 -31.92
CA ALA C 189 5.09 -8.26 -31.59
C ALA C 189 3.61 -8.08 -31.95
N VAL C 190 3.22 -8.49 -33.15
CA VAL C 190 1.84 -8.26 -33.59
C VAL C 190 0.87 -8.97 -32.67
N GLN C 191 1.13 -10.25 -32.36
CA GLN C 191 0.22 -11.03 -31.53
C GLN C 191 0.14 -10.46 -30.12
N ASN C 192 1.27 -10.03 -29.56
CA ASN C 192 1.28 -9.58 -28.18
C ASN C 192 0.70 -8.17 -28.05
N ILE C 193 0.93 -7.31 -29.05
CA ILE C 193 0.47 -5.94 -28.97
C ILE C 193 -0.94 -5.72 -29.49
N ALA C 194 -1.46 -6.62 -30.34
CA ALA C 194 -2.76 -6.37 -30.95
C ALA C 194 -3.87 -6.26 -29.91
N HIS C 195 -3.88 -7.15 -28.91
CA HIS C 195 -4.96 -7.10 -27.94
C HIS C 195 -4.96 -5.79 -27.14
N LEU C 196 -3.83 -5.07 -27.12
CA LEU C 196 -3.77 -3.81 -26.38
C LEU C 196 -4.55 -2.68 -27.05
N LEU C 197 -4.86 -2.80 -28.34
CA LEU C 197 -5.63 -1.76 -29.02
C LEU C 197 -7.06 -1.67 -28.50
N THR C 198 -7.54 -2.72 -27.83
CA THR C 198 -8.85 -2.70 -27.19
C THR C 198 -8.76 -2.46 -25.69
N SER C 199 -7.61 -2.01 -25.21
CA SER C 199 -7.39 -1.85 -23.77
C SER C 199 -8.29 -0.75 -23.21
N PRO C 200 -8.73 -0.88 -21.95
CA PRO C 200 -9.51 0.20 -21.33
C PRO C 200 -8.72 1.46 -21.04
N SER C 201 -7.38 1.41 -21.05
CA SER C 201 -6.56 2.58 -20.79
C SER C 201 -6.20 3.21 -22.12
N TYR C 202 -6.55 4.50 -22.29
CA TYR C 202 -6.25 5.15 -23.56
C TYR C 202 -4.76 5.19 -23.83
N LYS C 203 -3.95 5.43 -22.78
CA LYS C 203 -2.51 5.52 -23.00
C LYS C 203 -1.94 4.23 -23.58
N VAL C 204 -2.44 3.08 -23.11
CA VAL C 204 -2.00 1.82 -23.70
C VAL C 204 -2.40 1.77 -25.17
N ARG C 205 -3.69 2.01 -25.44
CA ARG C 205 -4.20 1.96 -26.82
C ARG C 205 -3.35 2.83 -27.72
N MSE C 206 -3.26 4.12 -27.41
CA MSE C 206 -2.44 5.04 -28.18
C MSE C 206 -1.08 4.42 -28.48
O MSE C 206 -0.70 4.27 -29.65
CB MSE C 206 -2.24 6.37 -27.44
CG MSE C 206 -1.46 7.42 -28.23
SE MSE C 206 -2.45 8.13 -29.75
CE MSE C 206 -1.29 7.49 -31.18
H MSE C 206 -3.66 4.49 -26.74
HA MSE C 206 -2.89 5.24 -29.01
HB2 MSE C 206 -1.76 6.20 -26.62
HB3 MSE C 206 -3.12 6.74 -27.24
HG2 MSE C 206 -0.65 7.02 -28.57
HG3 MSE C 206 -1.25 8.15 -27.64
HE1 MSE C 206 -1.69 7.70 -32.03
HE2 MSE C 206 -1.19 6.53 -31.08
HE3 MSE C 206 -0.42 7.92 -31.10
N GLN C 207 -0.36 4.01 -27.43
CA GLN C 207 1.02 3.57 -27.66
C GLN C 207 1.03 2.30 -28.51
N ALA C 208 0.10 1.38 -28.25
CA ALA C 208 0.03 0.19 -29.10
C ALA C 208 -0.14 0.61 -30.55
N LEU C 209 -1.03 1.56 -30.81
CA LEU C 209 -1.25 2.04 -32.17
C LEU C 209 0.06 2.51 -32.77
N LYS C 210 0.82 3.31 -32.02
CA LYS C 210 2.08 3.83 -32.53
C LYS C 210 2.99 2.69 -32.95
N CYS C 211 3.10 1.64 -32.13
CA CYS C 211 3.97 0.52 -32.49
C CYS C 211 3.61 0.02 -33.88
N PHE C 212 2.32 -0.22 -34.13
CA PHE C 212 1.94 -0.80 -35.40
C PHE C 212 2.34 0.11 -36.54
N SER C 213 2.14 1.42 -36.39
CA SER C 213 2.49 2.33 -37.47
C SER C 213 3.96 2.18 -37.83
N VAL C 214 4.83 2.16 -36.81
CA VAL C 214 6.26 2.09 -37.10
C VAL C 214 6.64 0.69 -37.53
N LEU C 215 5.92 -0.33 -37.07
CA LEU C 215 6.29 -1.70 -37.40
C LEU C 215 5.95 -2.04 -38.86
N ALA C 216 4.97 -1.36 -39.44
CA ALA C 216 4.48 -1.68 -40.78
C ALA C 216 4.82 -0.60 -41.80
N PHE C 217 5.79 0.26 -41.51
CA PHE C 217 6.06 1.39 -42.39
C PHE C 217 6.40 0.91 -43.80
N GLU C 218 7.43 0.09 -43.93
CA GLU C 218 7.83 -0.45 -45.23
C GLU C 218 8.07 -1.94 -45.10
N ASN C 219 7.26 -2.60 -44.28
CA ASN C 219 7.35 -4.04 -44.06
C ASN C 219 6.09 -4.69 -44.62
N PRO C 220 6.10 -5.20 -45.85
CA PRO C 220 4.90 -5.88 -46.36
C PRO C 220 4.52 -7.11 -45.56
N GLN C 221 5.49 -7.83 -45.00
CA GLN C 221 5.17 -9.05 -44.28
C GLN C 221 4.25 -8.75 -43.10
N VAL C 222 4.59 -7.74 -42.31
CA VAL C 222 3.76 -7.44 -41.13
C VAL C 222 2.40 -6.92 -41.58
N SER C 223 2.38 -6.09 -42.63
CA SER C 223 1.11 -5.55 -43.12
C SER C 223 0.14 -6.67 -43.43
N MSE C 224 0.55 -7.62 -44.27
CA MSE C 224 -0.24 -8.80 -44.56
C MSE C 224 -0.76 -9.38 -43.25
O MSE C 224 -1.97 -9.55 -43.07
CB MSE C 224 0.57 -9.85 -45.32
CG MSE C 224 1.22 -9.35 -46.60
SE MSE C 224 -0.06 -8.66 -47.91
CE MSE C 224 1.11 -7.50 -48.94
H MSE C 224 1.32 -7.59 -44.70
HA MSE C 224 -0.98 -8.55 -45.14
HB2 MSE C 224 -0.01 -10.59 -45.55
HB3 MSE C 224 1.28 -10.16 -44.74
HG2 MSE C 224 1.70 -10.08 -47.02
HG3 MSE C 224 1.83 -8.63 -46.39
HE1 MSE C 224 0.61 -7.12 -49.68
HE2 MSE C 224 1.86 -8.03 -49.29
HE3 MSE C 224 1.45 -6.79 -48.37
N THR C 225 0.16 -9.64 -42.32
CA THR C 225 -0.22 -10.25 -41.06
C THR C 225 -1.25 -9.39 -40.33
N LEU C 226 -1.05 -8.07 -40.30
CA LEU C 226 -1.98 -7.20 -39.59
C LEU C 226 -3.37 -7.27 -40.20
N VAL C 227 -3.47 -7.55 -41.50
CA VAL C 227 -4.77 -7.60 -42.15
C VAL C 227 -5.62 -8.72 -41.54
N ASN C 228 -4.99 -9.84 -41.23
CA ASN C 228 -5.71 -11.03 -40.78
C ASN C 228 -5.69 -11.23 -39.27
N VAL C 229 -5.06 -10.32 -38.52
CA VAL C 229 -5.08 -10.42 -37.07
C VAL C 229 -6.49 -10.19 -36.56
N LEU C 230 -6.93 -11.02 -35.61
CA LEU C 230 -8.27 -10.96 -35.03
C LEU C 230 -8.16 -10.69 -33.54
N VAL C 231 -8.81 -9.63 -33.08
CA VAL C 231 -8.84 -9.27 -31.67
C VAL C 231 -10.31 -9.12 -31.27
N ASP C 232 -10.79 -10.01 -30.41
CA ASP C 232 -12.17 -9.98 -29.94
C ASP C 232 -13.17 -10.05 -31.10
N GLY C 233 -12.86 -10.90 -32.09
CA GLY C 233 -13.76 -11.12 -33.20
C GLY C 233 -13.71 -10.06 -34.29
N GLU C 234 -12.83 -9.06 -34.18
CA GLU C 234 -12.75 -7.97 -35.14
C GLU C 234 -11.40 -8.04 -35.84
N LEU C 235 -11.42 -7.89 -37.16
CA LEU C 235 -10.16 -7.78 -37.90
C LEU C 235 -9.52 -6.44 -37.59
N LEU C 236 -8.20 -6.44 -37.51
CA LEU C 236 -7.47 -5.28 -37.01
C LEU C 236 -7.79 -4.01 -37.79
N PRO C 237 -7.87 -4.02 -39.13
CA PRO C 237 -8.20 -2.79 -39.85
C PRO C 237 -9.50 -2.15 -39.41
N GLN C 238 -10.48 -2.92 -38.92
CA GLN C 238 -11.68 -2.28 -38.39
C GLN C 238 -11.38 -1.54 -37.08
N ILE C 239 -10.46 -2.05 -36.26
CA ILE C 239 -10.06 -1.29 -35.08
C ILE C 239 -9.41 0.02 -35.50
N PHE C 240 -8.53 -0.04 -36.52
CA PHE C 240 -7.90 1.18 -37.00
C PHE C 240 -8.93 2.16 -37.56
N VAL C 241 -9.84 1.67 -38.39
CA VAL C 241 -10.84 2.53 -39.01
C VAL C 241 -11.67 3.24 -37.94
N LYS C 242 -11.99 2.53 -36.86
CA LYS C 242 -12.72 3.16 -35.75
C LYS C 242 -11.87 4.25 -35.09
N MSE C 243 -10.55 4.07 -35.06
CA MSE C 243 -9.68 5.07 -34.46
C MSE C 243 -9.43 6.26 -35.38
O MSE C 243 -8.70 7.19 -35.04
CB MSE C 243 -8.35 4.41 -34.07
CG MSE C 243 -8.43 3.44 -32.90
SE MSE C 243 -6.76 2.47 -32.59
CE MSE C 243 -7.22 1.61 -30.91
H MSE C 243 -10.15 3.39 -35.40
HA MSE C 243 -10.09 5.39 -33.65
HB2 MSE C 243 -7.71 5.11 -33.83
HB3 MSE C 243 -8.01 3.92 -34.84
HG2 MSE C 243 -9.12 2.79 -33.09
HG3 MSE C 243 -8.65 3.94 -32.10
HE1 MSE C 243 -6.48 1.05 -30.63
HE2 MSE C 243 -8.01 1.07 -31.03
HE3 MSE C 243 -7.39 2.28 -30.24
N LEU C 244 -10.07 6.24 -36.57
CA LEU C 244 -10.06 7.40 -37.45
C LEU C 244 -11.20 8.35 -37.18
N GLN C 245 -12.16 7.95 -36.36
CA GLN C 245 -13.37 8.73 -36.14
C GLN C 245 -13.07 10.08 -35.51
N ARG C 246 -13.94 11.05 -35.79
CA ARG C 246 -13.72 12.44 -35.37
C ARG C 246 -13.71 12.59 -33.86
N ASP C 247 -14.46 11.74 -33.14
CA ASP C 247 -14.54 11.78 -31.69
C ASP C 247 -13.23 11.38 -31.01
N LYS C 248 -12.37 10.62 -31.69
CA LYS C 248 -11.10 10.19 -31.10
C LYS C 248 -10.10 11.33 -31.10
N PRO C 249 -9.05 11.23 -30.27
CA PRO C 249 -8.03 12.29 -30.27
C PRO C 249 -7.33 12.39 -31.62
N ILE C 250 -6.77 13.57 -31.88
CA ILE C 250 -6.14 13.82 -33.17
C ILE C 250 -4.93 12.91 -33.33
N GLU C 251 -4.12 12.79 -32.27
CA GLU C 251 -2.95 11.91 -32.31
C GLU C 251 -3.36 10.48 -32.68
N MSE C 252 -4.51 10.04 -32.20
CA MSE C 252 -4.97 8.69 -32.47
C MSE C 252 -5.49 8.55 -33.89
O MSE C 252 -5.37 7.49 -34.49
CB MSE C 252 -6.06 8.28 -31.48
CG MSE C 252 -6.77 7.01 -31.86
SE MSE C 252 -7.73 6.33 -30.34
CE MSE C 252 -6.27 5.47 -29.39
H MSE C 252 -5.06 10.51 -31.72
HA MSE C 252 -4.21 8.09 -32.34
HB2 MSE C 252 -6.72 8.99 -31.43
HB3 MSE C 252 -5.66 8.15 -30.61
HG2 MSE C 252 -6.12 6.35 -32.13
HG3 MSE C 252 -7.40 7.19 -32.57
HE1 MSE C 252 -6.61 5.08 -28.57
HE2 MSE C 252 -5.60 6.14 -29.16
HE3 MSE C 252 -5.87 4.80 -29.95
N GLN C 253 -6.09 9.62 -34.42
CA GLN C 253 -6.55 9.57 -35.80
C GLN C 253 -5.37 9.55 -36.76
N LEU C 254 -4.48 10.54 -36.63
CA LEU C 254 -3.35 10.66 -37.54
C LEU C 254 -2.56 9.36 -37.57
N THR C 255 -2.20 8.85 -36.38
CA THR C 255 -1.43 7.62 -36.34
C THR C 255 -2.21 6.46 -36.97
N SER C 256 -3.49 6.34 -36.62
CA SER C 256 -4.29 5.29 -37.24
C SER C 256 -4.24 5.43 -38.76
N ALA C 257 -4.45 6.65 -39.25
CA ALA C 257 -4.42 6.88 -40.69
C ALA C 257 -3.07 6.48 -41.27
N LYS C 258 -1.98 6.72 -40.52
CA LYS C 258 -0.67 6.28 -40.96
C LYS C 258 -0.65 4.77 -41.17
N CYS C 259 -1.06 4.01 -40.14
CA CYS C 259 -1.00 2.56 -40.23
C CYS C 259 -1.64 2.07 -41.52
N LEU C 260 -2.91 2.43 -41.72
CA LEU C 260 -3.64 1.96 -42.87
C LEU C 260 -2.95 2.39 -44.15
N THR C 261 -2.48 3.64 -44.18
CA THR C 261 -1.80 4.13 -45.38
C THR C 261 -0.58 3.26 -45.66
N TYR C 262 0.21 2.98 -44.62
CA TYR C 262 1.37 2.12 -44.84
C TYR C 262 0.93 0.75 -45.33
N MSE C 263 -0.12 0.20 -44.72
CA MSE C 263 -0.62 -1.09 -45.13
C MSE C 263 -1.08 -1.02 -46.59
O MSE C 263 -0.87 -1.96 -47.37
CB MSE C 263 -1.76 -1.55 -44.24
CG MSE C 263 -1.31 -1.99 -42.88
SE MSE C 263 -2.80 -2.18 -41.65
CE MSE C 263 -3.42 -3.95 -42.19
H MSE C 263 -0.54 0.55 -44.06
HA MSE C 263 0.08 -1.76 -45.05
HB2 MSE C 263 -2.21 -2.30 -44.65
HB3 MSE C 263 -2.38 -0.81 -44.13
HG2 MSE C 263 -0.69 -1.33 -42.51
HG3 MSE C 263 -0.86 -2.84 -42.95
HE1 MSE C 263 -4.09 -4.26 -41.56
HE2 MSE C 263 -2.66 -4.56 -42.19
HE3 MSE C 263 -3.80 -3.90 -43.08
N CYS C 264 -1.71 0.09 -46.96
CA CYS C 264 -2.15 0.22 -48.34
C CYS C 264 -0.95 0.30 -49.27
N ARG C 265 0.09 1.02 -48.86
CA ARG C 265 1.28 1.12 -49.70
C ARG C 265 2.02 -0.21 -49.76
N ALA C 266 2.01 -0.96 -48.67
CA ALA C 266 2.68 -2.26 -48.63
C ALA C 266 2.00 -3.28 -49.54
N GLY C 267 0.71 -3.10 -49.82
CA GLY C 267 -0.04 -4.03 -50.64
C GLY C 267 -1.06 -4.85 -49.87
N ALA C 268 -1.06 -4.77 -48.54
CA ALA C 268 -2.01 -5.55 -47.74
C ALA C 268 -3.44 -5.04 -47.91
N ILE C 269 -3.61 -3.75 -48.20
CA ILE C 269 -4.92 -3.15 -48.42
C ILE C 269 -4.94 -2.56 -49.83
N ARG C 270 -6.06 -2.75 -50.52
CA ARG C 270 -6.20 -2.25 -51.89
C ARG C 270 -6.48 -0.76 -51.90
N THR C 271 -6.00 -0.09 -52.95
CA THR C 271 -6.25 1.34 -53.10
C THR C 271 -7.73 1.64 -53.29
N ASP C 272 -8.51 0.67 -53.80
CA ASP C 272 -9.94 0.85 -53.96
C ASP C 272 -10.74 0.36 -52.76
N ASP C 273 -10.06 -0.09 -51.70
CA ASP C 273 -10.77 -0.58 -50.51
C ASP C 273 -11.50 0.56 -49.82
N SER C 274 -12.64 0.22 -49.21
CA SER C 274 -13.45 1.24 -48.55
C SER C 274 -12.68 1.94 -47.44
N CYS C 275 -11.90 1.20 -46.65
CA CYS C 275 -11.20 1.82 -45.53
C CYS C 275 -10.25 2.90 -46.01
N ILE C 276 -9.76 2.80 -47.24
CA ILE C 276 -8.85 3.82 -47.76
C ILE C 276 -9.64 5.00 -48.34
N VAL C 277 -10.57 4.72 -49.24
CA VAL C 277 -11.20 5.81 -49.99
C VAL C 277 -12.27 6.51 -49.17
N LEU C 278 -12.96 5.79 -48.29
CA LEU C 278 -14.09 6.35 -47.57
C LEU C 278 -13.77 6.75 -46.14
N LYS C 279 -12.63 6.32 -45.60
CA LYS C 279 -12.33 6.61 -44.20
C LYS C 279 -10.95 7.24 -44.03
N THR C 280 -9.91 6.57 -44.52
CA THR C 280 -8.55 7.02 -44.30
C THR C 280 -8.28 8.34 -45.02
N LEU C 281 -8.50 8.37 -46.33
CA LEU C 281 -8.24 9.58 -47.11
C LEU C 281 -9.07 10.76 -46.63
N PRO C 282 -10.37 10.61 -46.38
CA PRO C 282 -11.11 11.73 -45.76
C PRO C 282 -10.52 12.19 -44.45
N CYS C 283 -10.09 11.26 -43.59
CA CYS C 283 -9.47 11.66 -42.34
C CYS C 283 -8.24 12.52 -42.61
N LEU C 284 -7.40 12.08 -43.54
CA LEU C 284 -6.16 12.81 -43.81
C LEU C 284 -6.47 14.21 -44.34
N VAL C 285 -7.52 14.36 -45.16
CA VAL C 285 -7.82 15.71 -45.61
C VAL C 285 -8.27 16.58 -44.45
N ARG C 286 -8.91 16.00 -43.43
CA ARG C 286 -9.31 16.82 -42.29
C ARG C 286 -8.09 17.35 -41.53
N MSE C 287 -7.01 16.56 -41.49
CA MSE C 287 -5.81 16.95 -40.76
C MSE C 287 -5.21 18.21 -41.33
O MSE C 287 -4.51 18.95 -40.63
CB MSE C 287 -4.78 15.82 -40.82
CG MSE C 287 -5.31 14.48 -40.33
SE MSE C 287 -5.96 14.64 -38.50
CE MSE C 287 -4.27 15.18 -37.69
H MSE C 287 -6.96 15.80 -41.87
HA MSE C 287 -6.04 17.10 -39.83
HB2 MSE C 287 -4.02 16.06 -40.27
HB3 MSE C 287 -4.49 15.70 -41.74
HG2 MSE C 287 -4.60 13.82 -40.36
HG3 MSE C 287 -6.05 14.20 -40.89
HE1 MSE C 287 -4.09 14.61 -36.92
HE2 MSE C 287 -4.32 16.10 -37.42
HE3 MSE C 287 -3.56 15.06 -38.34
N CYS C 288 -5.48 18.47 -42.61
CA CYS C 288 -4.96 19.63 -43.30
C CYS C 288 -5.74 20.91 -43.00
N SER C 289 -6.65 20.87 -42.03
CA SER C 289 -7.52 22.01 -41.79
C SER C 289 -6.75 23.16 -41.12
N LYS C 290 -7.25 24.37 -41.32
CA LYS C 290 -6.64 25.55 -40.72
C LYS C 290 -6.63 25.47 -39.20
N GLU C 291 -7.71 24.92 -38.61
CA GLU C 291 -7.81 24.82 -37.16
C GLU C 291 -6.80 23.84 -36.56
N ARG C 292 -6.29 22.90 -37.35
CA ARG C 292 -5.32 21.94 -36.85
C ARG C 292 -3.95 22.61 -36.66
N LEU C 293 -3.14 22.01 -35.80
CA LEU C 293 -1.81 22.56 -35.55
C LEU C 293 -0.89 22.34 -36.75
N LEU C 294 0.15 23.17 -36.82
CA LEU C 294 1.07 23.09 -37.95
C LEU C 294 1.63 21.68 -38.11
N GLU C 295 2.04 21.05 -37.00
CA GLU C 295 2.62 19.70 -37.10
C GLU C 295 1.59 18.71 -37.64
N GLU C 296 0.33 18.84 -37.21
CA GLU C 296 -0.72 17.96 -37.71
C GLU C 296 -0.93 18.16 -39.20
N ARG C 297 -0.87 19.42 -39.65
CA ARG C 297 -1.07 19.71 -41.07
C ARG C 297 0.06 19.12 -41.91
N VAL C 298 1.30 19.31 -41.50
CA VAL C 298 2.42 18.77 -42.27
C VAL C 298 2.36 17.25 -42.30
N GLU C 299 2.06 16.62 -41.15
CA GLU C 299 2.05 15.16 -41.12
C GLU C 299 0.88 14.58 -41.89
N GLY C 300 -0.30 15.17 -41.77
CA GLY C 300 -1.43 14.71 -42.56
C GLY C 300 -1.19 14.86 -44.05
N ALA C 301 -0.63 16.00 -44.47
CA ALA C 301 -0.38 16.22 -45.88
C ALA C 301 0.68 15.25 -46.41
N GLU C 302 1.76 15.04 -45.67
CA GLU C 302 2.81 14.15 -46.15
C GLU C 302 2.31 12.70 -46.19
N THR C 303 1.51 12.30 -45.21
CA THR C 303 0.95 10.95 -45.23
C THR C 303 -0.02 10.76 -46.37
N LEU C 304 -0.86 11.77 -46.65
CA LEU C 304 -1.78 11.69 -47.78
C LEU C 304 -1.01 11.62 -49.10
N ALA C 305 0.09 12.37 -49.21
CA ALA C 305 0.93 12.29 -50.40
C ALA C 305 1.49 10.90 -50.56
N TYR C 306 1.90 10.27 -49.45
CA TYR C 306 2.39 8.90 -49.49
C TYR C 306 1.28 7.95 -49.94
N LEU C 307 0.04 8.20 -49.49
CA LEU C 307 -1.06 7.31 -49.83
C LEU C 307 -1.40 7.39 -51.32
N ILE C 308 -1.50 8.61 -51.87
CA ILE C 308 -2.04 8.77 -53.21
C ILE C 308 -1.03 8.62 -54.33
N GLU C 309 0.27 8.58 -54.02
CA GLU C 309 1.26 8.59 -55.10
C GLU C 309 1.10 7.45 -56.10
N PRO C 310 0.92 6.19 -55.68
CA PRO C 310 0.93 5.10 -56.68
C PRO C 310 -0.32 5.03 -57.56
N ASP C 311 -1.50 5.43 -57.08
CA ASP C 311 -2.75 5.22 -57.80
C ASP C 311 -3.36 6.55 -58.20
N VAL C 312 -3.71 6.67 -59.50
CA VAL C 312 -4.26 7.93 -60.00
C VAL C 312 -5.68 8.17 -59.49
N GLU C 313 -6.47 7.11 -59.36
CA GLU C 313 -7.85 7.28 -58.90
C GLU C 313 -7.87 7.86 -57.49
N LEU C 314 -6.92 7.44 -56.64
CA LEU C 314 -6.82 8.05 -55.32
C LEU C 314 -6.51 9.53 -55.42
N GLN C 315 -5.62 9.90 -56.35
CA GLN C 315 -5.29 11.31 -56.54
C GLN C 315 -6.54 12.11 -56.90
N ARG C 316 -7.35 11.58 -57.81
CA ARG C 316 -8.57 12.27 -58.24
C ARG C 316 -9.56 12.40 -57.09
N ILE C 317 -9.81 11.29 -56.39
CA ILE C 317 -10.73 11.32 -55.24
C ILE C 317 -10.25 12.36 -54.22
N ALA C 318 -8.94 12.38 -53.95
CA ALA C 318 -8.41 13.36 -53.01
C ALA C 318 -8.62 14.77 -53.53
N SER C 319 -8.43 14.97 -54.83
CA SER C 319 -8.59 16.30 -55.40
C SER C 319 -9.99 16.82 -55.22
N ILE C 320 -10.98 15.93 -55.13
CA ILE C 320 -12.37 16.36 -55.00
C ILE C 320 -12.91 16.20 -53.58
N THR C 321 -12.05 15.95 -52.59
CA THR C 321 -12.51 15.59 -51.26
C THR C 321 -12.42 16.79 -50.30
N ASP C 322 -13.58 17.28 -49.88
CA ASP C 322 -13.71 18.25 -48.78
C ASP C 322 -12.73 19.42 -48.92
N HIS C 323 -12.66 19.97 -50.13
CA HIS C 323 -11.87 21.18 -50.39
C HIS C 323 -10.41 21.02 -50.01
N LEU C 324 -9.83 19.86 -50.36
CA LEU C 324 -8.42 19.63 -50.06
C LEU C 324 -7.55 20.69 -50.73
N ILE C 325 -7.75 20.91 -52.03
CA ILE C 325 -6.90 21.83 -52.77
C ILE C 325 -7.04 23.25 -52.23
N ALA C 326 -8.22 23.60 -51.72
CA ALA C 326 -8.38 24.93 -51.12
C ALA C 326 -7.60 25.02 -49.82
N MSE C 327 -7.81 24.07 -48.91
CA MSE C 327 -7.09 24.04 -47.64
C MSE C 327 -5.59 24.04 -47.83
O MSE C 327 -4.86 24.74 -47.12
CB MSE C 327 -7.51 22.80 -46.85
CG MSE C 327 -8.93 22.87 -46.36
SE MSE C 327 -9.34 21.36 -45.23
CE MSE C 327 -9.07 19.92 -46.52
H MSE C 327 -8.36 23.43 -49.02
HA MSE C 327 -7.34 24.83 -47.14
HB2 MSE C 327 -6.93 22.72 -46.08
HB3 MSE C 327 -7.43 22.02 -47.42
HG2 MSE C 327 -9.54 22.86 -47.12
HG3 MSE C 327 -9.06 23.68 -45.84
HE1 MSE C 327 -9.35 19.08 -46.11
HE2 MSE C 327 -8.14 19.87 -46.76
HE3 MSE C 327 -9.61 20.10 -47.30
N LEU C 328 -5.11 23.25 -48.81
CA LEU C 328 -3.68 23.22 -49.08
C LEU C 328 -3.16 24.61 -49.45
N ALA C 329 -3.93 25.38 -50.21
CA ALA C 329 -3.47 26.71 -50.56
C ALA C 329 -3.22 27.54 -49.30
N ASP C 330 -4.02 27.33 -48.26
CA ASP C 330 -3.86 28.08 -47.02
C ASP C 330 -2.56 27.75 -46.30
N TYR C 331 -1.83 26.72 -46.74
CA TYR C 331 -0.51 26.48 -46.18
C TYR C 331 0.43 27.65 -46.46
N PHE C 332 0.23 28.37 -47.57
CA PHE C 332 1.13 29.46 -47.93
C PHE C 332 0.69 30.80 -47.34
N LYS C 333 -0.45 30.84 -46.65
CA LYS C 333 -0.96 32.05 -46.04
C LYS C 333 -0.61 32.06 -44.55
N TYR C 334 -0.31 33.24 -44.03
CA TYR C 334 0.08 33.37 -42.64
C TYR C 334 -1.12 33.16 -41.70
N THR C 342 -6.08 31.19 -31.38
CA THR C 342 -5.13 30.45 -30.56
C THR C 342 -4.24 31.41 -29.75
N ASP C 343 -3.36 30.84 -28.94
CA ASP C 343 -2.40 31.64 -28.18
C ASP C 343 -1.46 32.36 -29.15
N ILE C 344 -1.16 33.62 -28.85
CA ILE C 344 -0.28 34.40 -29.72
C ILE C 344 1.11 33.77 -29.75
N LYS C 345 1.52 33.10 -28.66
CA LYS C 345 2.76 32.34 -28.67
C LYS C 345 2.70 31.22 -29.71
N ARG C 346 1.57 30.52 -29.77
CA ARG C 346 1.39 29.48 -30.79
C ARG C 346 1.41 30.07 -32.19
N LEU C 347 0.87 31.28 -32.35
CA LEU C 347 0.91 31.96 -33.65
C LEU C 347 2.35 32.27 -34.05
N ASP C 348 3.18 32.69 -33.10
CA ASP C 348 4.60 32.91 -33.42
C ASP C 348 5.28 31.59 -33.79
N HIS C 349 4.97 30.51 -33.06
CA HIS C 349 5.55 29.22 -33.39
C HIS C 349 5.15 28.78 -34.79
N ASP C 350 3.96 29.18 -35.25
CA ASP C 350 3.51 28.78 -36.58
C ASP C 350 4.07 29.71 -37.65
N LEU C 351 4.45 30.93 -37.29
CA LEU C 351 5.13 31.78 -38.26
C LEU C 351 6.58 31.39 -38.47
N LYS C 352 7.28 30.88 -37.44
CA LYS C 352 8.68 30.52 -37.65
C LYS C 352 8.83 29.22 -38.44
N HIS C 353 7.95 28.24 -38.21
CA HIS C 353 8.02 26.95 -38.88
C HIS C 353 7.14 26.87 -40.14
N ALA C 354 6.74 28.00 -40.71
CA ALA C 354 5.88 27.97 -41.90
C ALA C 354 6.53 27.24 -43.08
N HIS C 355 7.87 27.26 -43.16
CA HIS C 355 8.53 26.59 -44.27
C HIS C 355 8.20 25.10 -44.31
N GLU C 356 8.08 24.47 -43.14
CA GLU C 356 7.71 23.06 -43.09
C GLU C 356 6.33 22.83 -43.72
N LEU C 357 5.41 23.77 -43.48
CA LEU C 357 4.06 23.67 -44.04
C LEU C 357 4.10 23.83 -45.56
N ARG C 358 4.86 24.80 -46.06
CA ARG C 358 4.99 24.97 -47.50
C ARG C 358 5.56 23.72 -48.15
N GLN C 359 6.59 23.13 -47.53
CA GLN C 359 7.18 21.91 -48.06
C GLN C 359 6.16 20.77 -48.12
N ALA C 360 5.34 20.63 -47.07
CA ALA C 360 4.31 19.61 -47.08
C ALA C 360 3.34 19.83 -48.25
N ALA C 361 2.91 21.08 -48.44
CA ALA C 361 1.99 21.38 -49.53
C ALA C 361 2.60 21.01 -50.88
N PHE C 362 3.87 21.33 -51.10
CA PHE C 362 4.47 20.99 -52.39
C PHE C 362 4.61 19.48 -52.58
N LYS C 363 4.87 18.73 -51.50
CA LYS C 363 4.94 17.28 -51.64
C LYS C 363 3.58 16.73 -52.06
N LEU C 364 2.51 17.20 -51.40
CA LEU C 364 1.18 16.71 -51.73
C LEU C 364 0.73 17.17 -53.12
N TYR C 365 1.08 18.40 -53.51
CA TYR C 365 0.81 18.85 -54.87
C TYR C 365 1.49 17.94 -55.89
N ALA C 366 2.75 17.57 -55.63
CA ALA C 366 3.46 16.71 -56.57
C ALA C 366 2.73 15.38 -56.73
N SER C 367 2.20 14.85 -55.62
CA SER C 367 1.44 13.59 -55.74
C SER C 367 0.10 13.81 -56.44
N LEU C 368 -0.63 14.87 -56.09
CA LEU C 368 -1.95 15.10 -56.66
C LEU C 368 -1.89 15.40 -58.15
N GLY C 369 -0.93 16.22 -58.57
CA GLY C 369 -0.88 16.68 -59.94
C GLY C 369 0.13 15.91 -60.77
N ALA C 370 0.46 14.70 -60.31
CA ALA C 370 1.47 13.91 -61.00
C ALA C 370 1.00 13.48 -62.38
N ASN C 371 -0.29 13.10 -62.50
CA ASN C 371 -0.78 12.47 -63.72
C ASN C 371 -1.89 13.20 -64.43
N ASP C 372 -2.64 14.07 -63.75
CA ASP C 372 -3.82 14.71 -64.34
C ASP C 372 -3.61 16.21 -64.42
N GLU C 373 -3.65 16.75 -65.64
CA GLU C 373 -3.44 18.19 -65.82
C GLU C 373 -4.56 19.00 -65.20
N ASP C 374 -5.79 18.47 -65.16
CA ASP C 374 -6.90 19.22 -64.59
C ASP C 374 -6.72 19.44 -63.09
N ILE C 375 -6.12 18.48 -62.39
CA ILE C 375 -5.82 18.66 -60.98
C ILE C 375 -4.75 19.75 -60.82
N ARG C 376 -3.74 19.74 -61.68
CA ARG C 376 -2.73 20.79 -61.66
C ARG C 376 -3.34 22.16 -61.95
N LYS C 377 -4.30 22.22 -62.88
CA LYS C 377 -4.95 23.48 -63.17
C LYS C 377 -5.75 23.97 -61.97
N LYS C 378 -6.46 23.05 -61.31
CA LYS C 378 -7.20 23.41 -60.09
C LYS C 378 -6.25 23.97 -59.03
N ILE C 379 -5.07 23.36 -58.89
CA ILE C 379 -4.11 23.87 -57.93
C ILE C 379 -3.62 25.25 -58.32
N ILE C 380 -3.34 25.47 -59.61
CA ILE C 380 -2.90 26.79 -60.07
C ILE C 380 -3.96 27.84 -59.74
N VAL C 381 -5.23 27.51 -60.00
CA VAL C 381 -6.31 28.45 -59.73
C VAL C 381 -6.42 28.72 -58.23
N SER C 382 -6.27 27.68 -57.41
CA SER C 382 -6.38 27.84 -55.96
C SER C 382 -5.23 28.69 -55.43
N LEU C 383 -4.04 28.55 -56.01
CA LEU C 383 -2.89 29.30 -55.54
C LEU C 383 -3.00 30.76 -55.92
N GLY C 384 -3.67 31.06 -57.05
CA GLY C 384 -3.77 32.44 -57.49
C GLY C 384 -4.67 33.33 -56.65
N GLU C 385 -5.70 32.75 -56.03
CA GLU C 385 -6.69 33.54 -55.28
C GLU C 385 -6.02 34.53 -54.33
O1 MES D . -9.69 29.05 0.05
C2 MES D . -9.49 29.38 1.42
C3 MES D . -9.74 30.87 1.69
N4 MES D . -10.46 31.41 0.54
C5 MES D . -9.72 31.38 -0.71
C6 MES D . -9.10 29.99 -0.84
C7 MES D . -11.13 32.69 0.78
C8 MES D . -10.10 33.76 1.13
S MES D . -10.44 34.44 2.61
O1S MES D . -11.79 35.05 2.60
O2S MES D . -10.37 33.39 3.66
O3S MES D . -9.44 35.49 2.92
H21 MES D . -10.18 28.80 2.04
H22 MES D . -8.47 29.13 1.72
H31 MES D . -8.78 31.39 1.82
H32 MES D . -10.32 31.00 2.60
HN4 MES D . -11.21 30.75 0.42
H51 MES D . -8.93 32.15 -0.70
H52 MES D . -10.37 31.59 -1.55
H61 MES D . -9.23 29.64 -1.87
H62 MES D . -8.02 30.05 -0.65
H71 MES D . -11.85 32.59 1.60
H72 MES D . -11.69 32.99 -0.11
H81 MES D . -10.09 34.54 0.37
H82 MES D . -9.10 33.31 1.15
CL CL E . 12.68 7.11 24.70
C1 GOL F . -5.84 33.17 9.94
O1 GOL F . -7.04 32.49 10.20
C2 GOL F . -5.11 32.39 8.80
O2 GOL F . -5.65 32.66 7.55
C3 GOL F . -3.61 32.81 8.90
O3 GOL F . -2.90 32.09 7.94
H11 GOL F . -5.26 33.23 10.71
H12 GOL F . -5.99 34.08 9.65
HO1 GOL F . -7.41 32.90 10.84
H2 GOL F . -5.20 31.43 8.94
HO2 GOL F . -5.52 33.49 7.39
H31 GOL F . -3.30 32.66 9.81
H32 GOL F . -3.55 33.77 8.78
HO3 GOL F . -3.21 32.31 7.19
C1 GOL G . 25.54 16.89 7.71
O1 GOL G . 25.93 18.02 8.44
C2 GOL G . 26.65 15.80 7.85
O2 GOL G . 26.55 14.84 6.85
C3 GOL G . 28.00 16.59 7.81
O3 GOL G . 29.03 15.68 7.48
H11 GOL G . 25.41 17.09 6.77
H12 GOL G . 24.70 16.52 8.03
H2 GOL G . 26.58 15.32 8.70
HO2 GOL G . 26.71 15.22 6.11
H31 GOL G . 28.13 17.01 8.67
H32 GOL G . 27.92 17.31 7.17
C1 GOL H . -13.64 9.06 -4.20
O1 GOL H . -13.48 7.67 -4.32
C2 GOL H . -12.25 9.73 -4.40
O2 GOL H . -12.12 10.85 -3.58
C3 GOL H . -11.19 8.65 -4.10
O3 GOL H . -9.96 9.30 -4.06
H11 GOL H . -14.00 9.30 -3.33
H12 GOL H . -14.27 9.41 -4.86
H2 GOL H . -12.16 10.04 -5.31
HO2 GOL H . -12.25 10.61 -2.78
H31 GOL H . -11.24 7.96 -4.78
H32 GOL H . -11.42 8.21 -3.27
CL CL I . -12.24 -31.10 -11.74
CL CL J . -12.36 -7.16 8.43
S SO4 K . -18.92 -15.16 15.06
O1 SO4 K . -18.49 -14.82 13.70
O2 SO4 K . -19.48 -16.50 15.08
O3 SO4 K . -19.94 -14.21 15.50
O4 SO4 K . -17.76 -15.10 15.96
C1 GOL L . 0.32 -25.50 7.63
O1 GOL L . -0.42 -24.69 8.49
C2 GOL L . 0.95 -26.63 8.49
O2 GOL L . 0.09 -27.04 9.49
C3 GOL L . 1.25 -27.78 7.49
O3 GOL L . 1.62 -28.89 8.25
H11 GOL L . 1.04 -25.02 7.18
H12 GOL L . -0.21 -25.89 6.93
H2 GOL L . 1.75 -26.32 8.92
HO2 GOL L . 0.51 -27.60 9.98
H31 GOL L . 1.95 -27.48 6.88
H32 GOL L . 0.47 -27.93 6.94
C1 GOL M . 5.10 -26.14 11.39
O1 GOL M . 4.37 -26.79 12.39
C2 GOL M . 5.16 -27.08 10.15
O2 GOL M . 5.93 -26.52 9.12
C3 GOL M . 5.73 -28.42 10.67
O3 GOL M . 6.37 -29.07 9.60
H11 GOL M . 6.02 -25.93 11.67
H12 GOL M . 4.71 -25.29 11.13
H2 GOL M . 4.28 -27.21 9.76
HO2 GOL M . 6.30 -25.82 9.43
H31 GOL M . 5.01 -28.94 11.05
H32 GOL M . 6.33 -28.24 11.41
HO3 GOL M . 7.19 -28.90 9.68
C1 GOL N . 7.36 7.36 -40.60
O1 GOL N . 6.81 7.83 -39.41
C2 GOL N . 8.54 6.45 -40.21
O2 GOL N . 9.49 7.11 -39.45
C3 GOL N . 7.90 5.26 -39.46
O3 GOL N . 8.95 4.40 -39.10
H11 GOL N . 6.72 6.86 -41.13
H12 GOL N . 7.68 8.08 -41.17
H2 GOL N . 9.00 6.13 -41.01
H31 GOL N . 7.23 4.85 -40.02
H32 GOL N . 7.41 5.61 -38.69
C1 GOL O . -17.26 12.69 -41.55
O1 GOL O . -17.57 14.00 -41.16
C2 GOL O . -15.73 12.58 -41.67
O2 GOL O . -15.21 13.48 -42.60
C3 GOL O . -15.46 11.10 -42.03
O3 GOL O . -15.80 10.95 -43.38
H11 GOL O . -17.66 12.46 -42.41
H12 GOL O . -17.59 12.03 -40.93
H2 GOL O . -15.30 12.80 -40.82
H31 GOL O . -15.97 10.53 -41.45
H32 GOL O . -14.53 10.89 -41.85
#